data_2YV3
#
_entry.id   2YV3
#
_cell.length_a   125.167
_cell.length_b   125.167
_cell.length_c   116.463
_cell.angle_alpha   90.00
_cell.angle_beta   90.00
_cell.angle_gamma   120.00
#
_symmetry.space_group_name_H-M   'P 31 2 1'
#
loop_
_entity.id
_entity.type
_entity.pdbx_description
1 polymer 'Aspartate-semialdehyde dehydrogenase'
2 water water
#
_entity_poly.entity_id   1
_entity_poly.type   'polypeptide(L)'
_entity_poly.pdbx_seq_one_letter_code
;MRVAVVGATGAVGREILKVLEARNFPLSELRLYASPRSAGVRLAFRGEEIPVEPLPEGPLPVDLVLASAGGGISRAKALV
WAEGGALVVDNSSAWRYEPWVPLVVPEVNREKIFQHRGIIANPNCTTAILAMALWPLHRAFQAKRVIVATYQAASGAGAK
AMEELLTETHRFLHGEAPKAEAFAHPLPFNVIPHIDAFQENGYTREEMKVVWETHKIFGDDTIRISATAVRVPTLRAHAE
AVSVEFARPVTPEAAREVLKEAPGVEVVDEPEAKRYPMPLTASGKWDVEVGRIRKSLAFENGLDFFVVGDQLLKGAALNA
VQIAEEWLKGA
;
_entity_poly.pdbx_strand_id   A,B
#
# COMPACT_ATOMS: atom_id res chain seq x y z
N MET A 1 -24.15 -6.69 -35.56
CA MET A 1 -23.13 -5.70 -35.11
C MET A 1 -21.71 -6.30 -35.20
N ARG A 2 -21.06 -6.07 -36.33
CA ARG A 2 -19.71 -6.56 -36.53
C ARG A 2 -18.82 -5.85 -35.54
N VAL A 3 -18.03 -6.63 -34.81
CA VAL A 3 -17.15 -6.09 -33.80
C VAL A 3 -15.75 -6.66 -33.95
N ALA A 4 -14.75 -5.80 -33.82
CA ALA A 4 -13.36 -6.21 -33.92
C ALA A 4 -12.68 -6.11 -32.57
N VAL A 5 -11.69 -6.97 -32.35
CA VAL A 5 -10.97 -6.92 -31.10
C VAL A 5 -9.49 -6.76 -31.37
N VAL A 6 -9.08 -5.52 -31.57
CA VAL A 6 -7.69 -5.21 -31.84
C VAL A 6 -6.94 -5.51 -30.54
N GLY A 7 -5.92 -6.36 -30.64
CA GLY A 7 -5.13 -6.73 -29.47
C GLY A 7 -5.37 -8.11 -28.89
N ALA A 8 -6.41 -8.80 -29.37
CA ALA A 8 -6.77 -10.14 -28.88
C ALA A 8 -5.96 -10.77 -27.76
N THR A 9 -4.84 -11.38 -28.13
CA THR A 9 -3.93 -12.10 -27.24
C THR A 9 -3.39 -11.48 -25.93
N GLY A 10 -3.81 -10.26 -25.63
CA GLY A 10 -3.34 -9.61 -24.41
C GLY A 10 -4.20 -9.90 -23.19
N ALA A 11 -3.81 -9.35 -22.05
CA ALA A 11 -4.55 -9.56 -20.81
C ALA A 11 -5.96 -8.97 -20.95
N VAL A 12 -6.03 -7.71 -21.35
CA VAL A 12 -7.32 -7.07 -21.54
C VAL A 12 -8.05 -7.77 -22.69
N GLY A 13 -7.41 -7.81 -23.87
CA GLY A 13 -8.01 -8.46 -25.03
C GLY A 13 -8.59 -9.82 -24.72
N ARG A 14 -7.85 -10.60 -23.94
CA ARG A 14 -8.32 -11.92 -23.55
C ARG A 14 -9.52 -11.82 -22.61
N GLU A 15 -9.50 -10.87 -21.68
CA GLU A 15 -10.66 -10.74 -20.80
C GLU A 15 -11.78 -10.13 -21.65
N ILE A 16 -11.42 -9.29 -22.59
CA ILE A 16 -12.42 -8.69 -23.46
C ILE A 16 -13.29 -9.73 -24.15
N LEU A 17 -12.79 -10.94 -24.35
CA LEU A 17 -13.61 -11.97 -25.00
C LEU A 17 -14.63 -12.51 -24.00
N LYS A 18 -14.18 -12.85 -22.80
CA LYS A 18 -15.10 -13.39 -21.83
C LYS A 18 -16.19 -12.47 -21.28
N VAL A 19 -15.87 -11.24 -20.90
CA VAL A 19 -16.96 -10.40 -20.41
C VAL A 19 -17.90 -10.21 -21.60
N LEU A 20 -17.30 -10.02 -22.78
CA LEU A 20 -18.07 -9.83 -24.00
C LEU A 20 -18.96 -11.05 -24.17
N GLU A 21 -18.47 -12.17 -23.68
CA GLU A 21 -19.22 -13.40 -23.74
C GLU A 21 -20.25 -13.39 -22.59
N ALA A 22 -19.75 -13.13 -21.38
CA ALA A 22 -20.54 -13.13 -20.14
C ALA A 22 -21.70 -12.15 -20.05
N ARG A 23 -21.65 -11.08 -20.83
CA ARG A 23 -22.73 -10.09 -20.81
C ARG A 23 -23.66 -10.43 -21.94
N ASN A 24 -23.33 -11.52 -22.64
CA ASN A 24 -24.10 -11.97 -23.79
C ASN A 24 -24.17 -10.84 -24.78
N PHE A 25 -23.02 -10.23 -25.07
CA PHE A 25 -22.99 -9.13 -26.01
C PHE A 25 -23.39 -9.66 -27.39
N PRO A 26 -24.50 -9.15 -27.92
CA PRO A 26 -25.09 -9.51 -29.21
C PRO A 26 -24.28 -9.06 -30.40
N LEU A 27 -23.32 -9.86 -30.83
CA LEU A 27 -22.57 -9.50 -32.01
C LEU A 27 -23.27 -10.13 -33.21
N SER A 28 -22.61 -10.09 -34.36
CA SER A 28 -23.12 -10.65 -35.62
C SER A 28 -21.88 -11.29 -36.19
N GLU A 29 -20.80 -10.55 -36.02
CA GLU A 29 -19.48 -10.94 -36.48
C GLU A 29 -18.62 -11.15 -35.26
N LEU A 30 -17.38 -11.57 -35.51
CA LEU A 30 -16.43 -11.86 -34.46
C LEU A 30 -15.04 -11.70 -35.08
N ARG A 31 -14.39 -10.56 -34.86
CA ARG A 31 -13.06 -10.32 -35.42
C ARG A 31 -11.97 -9.98 -34.41
N LEU A 32 -10.95 -10.84 -34.36
CA LEU A 32 -9.82 -10.67 -33.46
C LEU A 32 -8.61 -10.20 -34.24
N TYR A 33 -7.98 -9.13 -33.77
CA TYR A 33 -6.82 -8.57 -34.44
C TYR A 33 -5.61 -8.34 -33.52
N ALA A 34 -4.43 -8.72 -34.01
CA ALA A 34 -3.20 -8.54 -33.26
C ALA A 34 -2.14 -8.05 -34.23
N SER A 35 -1.06 -7.48 -33.70
CA SER A 35 0.03 -7.02 -34.56
C SER A 35 0.75 -8.30 -34.99
N PRO A 36 1.44 -8.26 -36.13
CA PRO A 36 2.14 -9.45 -36.61
C PRO A 36 2.54 -10.52 -35.59
N ARG A 37 3.23 -10.15 -34.50
CA ARG A 37 3.66 -11.11 -33.46
C ARG A 37 2.73 -12.31 -33.35
N SER A 38 1.45 -12.03 -33.08
CA SER A 38 0.47 -13.09 -33.01
C SER A 38 -0.32 -13.03 -34.32
N ALA A 39 0.29 -13.53 -35.39
CA ALA A 39 -0.33 -13.53 -36.71
C ALA A 39 -1.05 -14.85 -36.94
N GLY A 40 -0.65 -15.88 -36.21
CA GLY A 40 -1.26 -17.18 -36.37
C GLY A 40 -1.42 -17.91 -35.05
N VAL A 41 -2.45 -17.54 -34.32
CA VAL A 41 -2.76 -18.14 -33.02
C VAL A 41 -4.26 -18.14 -32.85
N ARG A 42 -4.76 -18.99 -31.95
CA ARG A 42 -6.18 -19.08 -31.73
C ARG A 42 -6.64 -18.93 -30.26
N LEU A 43 -7.72 -18.18 -30.11
CA LEU A 43 -8.32 -17.95 -28.79
C LEU A 43 -9.61 -18.78 -28.78
N ALA A 44 -10.50 -18.47 -27.85
CA ALA A 44 -11.73 -19.23 -27.73
C ALA A 44 -12.87 -18.34 -27.32
N PHE A 45 -14.00 -18.53 -27.99
CA PHE A 45 -15.17 -17.75 -27.71
C PHE A 45 -16.35 -18.71 -27.81
N ARG A 46 -17.35 -18.50 -26.96
CA ARG A 46 -18.51 -19.37 -26.96
C ARG A 46 -18.08 -20.85 -27.13
N GLY A 47 -16.87 -21.16 -26.68
CA GLY A 47 -16.33 -22.50 -26.76
C GLY A 47 -15.79 -22.78 -28.13
N GLU A 48 -16.16 -21.92 -29.06
CA GLU A 48 -15.74 -22.05 -30.44
C GLU A 48 -14.39 -21.34 -30.62
N GLU A 49 -13.52 -21.96 -31.40
CA GLU A 49 -12.19 -21.41 -31.68
C GLU A 49 -12.27 -20.34 -32.79
N ILE A 50 -11.55 -19.23 -32.59
CA ILE A 50 -11.53 -18.12 -33.54
C ILE A 50 -10.12 -17.68 -33.84
N PRO A 51 -9.81 -17.40 -35.12
CA PRO A 51 -8.49 -16.97 -35.57
C PRO A 51 -8.17 -15.53 -35.18
N VAL A 52 -6.88 -15.18 -35.26
CA VAL A 52 -6.39 -13.83 -34.92
C VAL A 52 -5.64 -13.24 -36.11
N GLU A 53 -6.28 -12.35 -36.84
CA GLU A 53 -5.66 -11.74 -38.00
C GLU A 53 -4.67 -10.67 -37.60
N PRO A 54 -3.57 -10.54 -38.36
CA PRO A 54 -2.61 -9.48 -37.99
C PRO A 54 -3.24 -8.22 -38.55
N LEU A 55 -2.93 -7.07 -37.97
CA LEU A 55 -3.50 -5.83 -38.46
C LEU A 55 -2.99 -5.40 -39.82
N PRO A 56 -3.91 -5.19 -40.78
CA PRO A 56 -3.68 -4.76 -42.17
C PRO A 56 -3.66 -3.25 -42.36
N GLU A 57 -2.55 -2.72 -42.86
CA GLU A 57 -2.44 -1.28 -43.10
C GLU A 57 -3.55 -0.87 -44.08
N GLY A 58 -4.80 -0.94 -43.62
CA GLY A 58 -5.96 -0.60 -44.45
C GLY A 58 -7.31 -0.99 -43.84
N PRO A 59 -8.02 -0.01 -43.25
CA PRO A 59 -9.31 0.04 -42.56
C PRO A 59 -10.51 -0.81 -43.01
N LEU A 60 -10.69 -1.98 -42.39
CA LEU A 60 -11.83 -2.83 -42.73
C LEU A 60 -11.94 -4.10 -41.85
N PRO A 61 -13.17 -4.57 -41.61
CA PRO A 61 -14.51 -4.10 -41.97
C PRO A 61 -15.41 -4.25 -40.74
N VAL A 62 -15.52 -3.22 -39.90
CA VAL A 62 -16.33 -3.43 -38.70
C VAL A 62 -17.16 -2.28 -38.13
N ASP A 63 -18.21 -2.67 -37.40
CA ASP A 63 -19.16 -1.77 -36.74
C ASP A 63 -18.57 -1.19 -35.47
N LEU A 64 -17.87 -2.02 -34.73
CA LEU A 64 -17.29 -1.60 -33.48
C LEU A 64 -15.88 -2.15 -33.32
N VAL A 65 -14.99 -1.29 -32.84
CA VAL A 65 -13.61 -1.69 -32.63
C VAL A 65 -13.22 -1.49 -31.17
N LEU A 66 -12.90 -2.58 -30.48
CA LEU A 66 -12.49 -2.49 -29.08
C LEU A 66 -10.98 -2.66 -28.97
N ALA A 67 -10.27 -1.55 -29.03
CA ALA A 67 -8.82 -1.52 -28.97
C ALA A 67 -8.15 -1.65 -27.60
N SER A 68 -7.26 -2.64 -27.50
CA SER A 68 -6.48 -2.95 -26.30
C SER A 68 -5.10 -3.42 -26.76
N ALA A 69 -4.53 -2.70 -27.73
CA ALA A 69 -3.23 -3.07 -28.31
C ALA A 69 -2.19 -1.94 -28.33
N GLY A 70 -1.90 -1.35 -27.17
CA GLY A 70 -0.93 -0.28 -27.09
C GLY A 70 -1.31 1.01 -27.79
N GLY A 71 -0.58 2.08 -27.50
CA GLY A 71 -0.85 3.37 -28.11
C GLY A 71 -0.13 3.53 -29.43
N GLY A 72 0.85 2.66 -29.66
CA GLY A 72 1.59 2.70 -30.90
C GLY A 72 0.58 2.57 -32.00
N ILE A 73 -0.10 1.43 -32.04
CA ILE A 73 -1.09 1.18 -33.07
C ILE A 73 -2.32 2.09 -32.98
N SER A 74 -2.83 2.29 -31.78
CA SER A 74 -4.00 3.14 -31.63
C SER A 74 -3.79 4.57 -32.08
N ARG A 75 -2.65 5.15 -31.70
CA ARG A 75 -2.36 6.52 -32.09
C ARG A 75 -2.39 6.51 -33.61
N ALA A 76 -1.89 5.42 -34.17
CA ALA A 76 -1.79 5.21 -35.61
C ALA A 76 -3.07 4.81 -36.38
N LYS A 77 -3.98 4.08 -35.74
CA LYS A 77 -5.20 3.62 -36.42
C LYS A 77 -6.55 4.22 -36.06
N ALA A 78 -6.68 4.78 -34.86
CA ALA A 78 -7.96 5.35 -34.44
C ALA A 78 -8.81 5.92 -35.58
N LEU A 79 -8.45 7.11 -36.06
CA LEU A 79 -9.20 7.76 -37.12
C LEU A 79 -9.50 6.85 -38.33
N VAL A 80 -8.47 6.17 -38.82
CA VAL A 80 -8.61 5.28 -39.98
C VAL A 80 -9.84 4.36 -39.84
N TRP A 81 -10.08 3.92 -38.61
CA TRP A 81 -11.18 3.02 -38.34
C TRP A 81 -12.56 3.67 -38.24
N ALA A 82 -12.71 4.65 -37.34
CA ALA A 82 -13.99 5.32 -37.16
C ALA A 82 -14.46 5.93 -38.47
N GLU A 83 -13.52 6.13 -39.38
CA GLU A 83 -13.84 6.70 -40.68
C GLU A 83 -14.54 5.60 -41.49
N GLY A 84 -14.07 4.36 -41.30
CA GLY A 84 -14.68 3.23 -41.99
C GLY A 84 -16.08 3.06 -41.39
N GLY A 85 -16.40 3.91 -40.43
CA GLY A 85 -17.70 3.86 -39.78
C GLY A 85 -17.76 2.92 -38.59
N ALA A 86 -16.61 2.66 -37.98
CA ALA A 86 -16.53 1.79 -36.81
C ALA A 86 -16.45 2.64 -35.57
N LEU A 87 -17.18 2.26 -34.52
CA LEU A 87 -17.12 3.03 -33.27
C LEU A 87 -15.86 2.57 -32.57
N VAL A 88 -14.99 3.49 -32.18
CA VAL A 88 -13.75 3.08 -31.55
C VAL A 88 -13.58 3.39 -30.05
N VAL A 89 -13.44 2.31 -29.29
CA VAL A 89 -13.23 2.37 -27.86
C VAL A 89 -11.82 1.86 -27.67
N ASP A 90 -10.95 2.73 -27.15
CA ASP A 90 -9.57 2.37 -26.93
C ASP A 90 -9.19 2.38 -25.45
N ASN A 91 -8.59 1.29 -24.97
CA ASN A 91 -8.15 1.21 -23.57
C ASN A 91 -6.75 1.76 -23.40
N SER A 92 -6.16 2.26 -24.48
CA SER A 92 -4.81 2.80 -24.39
C SER A 92 -4.91 4.27 -24.05
N SER A 93 -3.75 4.87 -23.83
CA SER A 93 -3.69 6.30 -23.53
C SER A 93 -3.04 6.90 -24.76
N ALA A 94 -3.88 7.22 -25.73
CA ALA A 94 -3.41 7.77 -26.99
C ALA A 94 -4.35 8.91 -27.32
N TRP A 95 -5.62 8.71 -27.05
CA TRP A 95 -6.64 9.72 -27.32
C TRP A 95 -7.34 10.29 -26.06
N ARG A 96 -6.97 9.77 -24.89
CA ARG A 96 -7.55 10.19 -23.61
C ARG A 96 -7.51 11.69 -23.34
N TYR A 97 -6.33 12.28 -23.45
CA TYR A 97 -6.18 13.70 -23.18
C TYR A 97 -6.36 14.52 -24.41
N GLU A 98 -7.34 14.16 -25.24
CA GLU A 98 -7.58 14.92 -26.46
C GLU A 98 -9.00 15.51 -26.44
N PRO A 99 -9.11 16.85 -26.56
CA PRO A 99 -10.32 17.69 -26.58
C PRO A 99 -11.54 17.25 -27.40
N TRP A 100 -11.35 16.28 -28.30
CA TRP A 100 -12.46 15.84 -29.13
C TRP A 100 -12.96 14.44 -28.75
N VAL A 101 -12.25 13.79 -27.83
CA VAL A 101 -12.63 12.44 -27.41
C VAL A 101 -13.15 12.34 -25.98
N PRO A 102 -14.33 11.75 -25.80
CA PRO A 102 -14.89 11.61 -24.46
C PRO A 102 -14.18 10.50 -23.70
N LEU A 103 -13.91 10.77 -22.41
CA LEU A 103 -13.27 9.81 -21.52
C LEU A 103 -14.44 9.40 -20.62
N VAL A 104 -14.94 8.20 -20.84
CA VAL A 104 -16.11 7.69 -20.12
C VAL A 104 -16.05 6.49 -19.17
N VAL A 105 -16.90 6.56 -18.15
CA VAL A 105 -17.10 5.48 -17.20
C VAL A 105 -18.62 5.55 -17.08
N PRO A 106 -19.33 4.54 -17.64
CA PRO A 106 -20.80 4.45 -17.64
C PRO A 106 -21.53 4.81 -16.34
N GLU A 107 -20.85 4.73 -15.20
CA GLU A 107 -21.49 5.08 -13.94
C GLU A 107 -21.55 6.58 -13.80
N VAL A 108 -20.67 7.27 -14.53
CA VAL A 108 -20.59 8.72 -14.47
C VAL A 108 -21.17 9.43 -15.69
N ASN A 109 -20.31 9.74 -16.66
CA ASN A 109 -20.72 10.47 -17.84
C ASN A 109 -21.19 9.73 -19.10
N ARG A 110 -22.01 8.68 -18.96
CA ARG A 110 -22.52 7.93 -20.13
C ARG A 110 -22.98 8.92 -21.19
N GLU A 111 -23.46 10.05 -20.72
CA GLU A 111 -23.92 11.14 -21.56
C GLU A 111 -22.89 11.48 -22.65
N LYS A 112 -21.62 11.36 -22.31
CA LYS A 112 -20.56 11.65 -23.28
C LYS A 112 -20.43 10.68 -24.44
N ILE A 113 -20.91 9.45 -24.28
CA ILE A 113 -20.84 8.45 -25.35
C ILE A 113 -21.37 8.98 -26.68
N PHE A 114 -22.41 9.79 -26.62
CA PHE A 114 -23.01 10.29 -27.84
C PHE A 114 -22.46 11.65 -28.24
N GLN A 115 -21.41 12.06 -27.54
CA GLN A 115 -20.76 13.32 -27.88
C GLN A 115 -19.51 12.98 -28.68
N HIS A 116 -19.27 11.68 -28.81
CA HIS A 116 -18.13 11.19 -29.57
C HIS A 116 -18.37 11.52 -31.03
N ARG A 117 -17.27 11.54 -31.80
CA ARG A 117 -17.31 11.81 -33.23
C ARG A 117 -16.51 10.73 -33.97
N GLY A 118 -16.26 9.60 -33.32
CA GLY A 118 -15.51 8.51 -33.94
C GLY A 118 -14.77 7.60 -32.98
N ILE A 119 -14.28 8.16 -31.88
CA ILE A 119 -13.55 7.40 -30.88
C ILE A 119 -14.03 7.76 -29.47
N ILE A 120 -13.77 6.89 -28.52
CA ILE A 120 -14.15 7.11 -27.14
C ILE A 120 -12.99 6.56 -26.35
N ALA A 121 -12.48 7.36 -25.41
CA ALA A 121 -11.34 6.93 -24.60
C ALA A 121 -11.74 6.19 -23.35
N ASN A 122 -11.17 4.99 -23.19
CA ASN A 122 -11.40 4.14 -22.03
C ASN A 122 -10.40 4.65 -20.97
N PRO A 123 -10.89 4.93 -19.75
CA PRO A 123 -10.10 5.44 -18.62
C PRO A 123 -9.03 4.51 -18.11
N ASN A 124 -8.10 5.04 -17.31
CA ASN A 124 -7.03 4.23 -16.75
C ASN A 124 -7.61 3.22 -15.80
N CYS A 125 -6.79 2.28 -15.36
CA CYS A 125 -7.25 1.27 -14.43
C CYS A 125 -7.57 1.93 -13.10
N THR A 126 -6.51 2.38 -12.45
CA THR A 126 -6.56 3.02 -11.15
C THR A 126 -7.66 4.07 -11.04
N THR A 127 -7.99 4.73 -12.15
CA THR A 127 -9.01 5.79 -12.18
C THR A 127 -10.43 5.26 -12.25
N ALA A 128 -10.65 4.25 -13.09
CA ALA A 128 -11.96 3.66 -13.25
C ALA A 128 -12.54 3.27 -11.89
N ILE A 129 -11.94 2.27 -11.24
CA ILE A 129 -12.46 1.84 -9.95
C ILE A 129 -12.58 2.98 -8.95
N LEU A 130 -11.53 3.77 -8.77
CA LEU A 130 -11.61 4.88 -7.83
C LEU A 130 -12.82 5.78 -8.10
N ALA A 131 -13.25 5.87 -9.35
CA ALA A 131 -14.40 6.69 -9.71
C ALA A 131 -15.67 5.93 -9.35
N MET A 132 -15.66 4.65 -9.67
CA MET A 132 -16.79 3.80 -9.36
C MET A 132 -17.26 4.02 -7.93
N ALA A 133 -16.33 4.44 -7.08
CA ALA A 133 -16.68 4.69 -5.71
C ALA A 133 -16.73 6.20 -5.48
N LEU A 134 -15.78 6.92 -6.05
CA LEU A 134 -15.72 8.37 -5.85
C LEU A 134 -16.75 9.15 -6.65
N TRP A 135 -17.42 8.49 -7.57
CA TRP A 135 -18.43 9.19 -8.34
C TRP A 135 -19.59 9.66 -7.44
N PRO A 136 -20.25 8.70 -6.76
CA PRO A 136 -21.37 9.05 -5.87
C PRO A 136 -21.05 9.94 -4.67
N LEU A 137 -19.81 9.92 -4.18
CA LEU A 137 -19.45 10.77 -3.04
C LEU A 137 -19.39 12.20 -3.53
N HIS A 138 -18.80 12.37 -4.69
CA HIS A 138 -18.68 13.67 -5.31
C HIS A 138 -20.08 14.24 -5.49
N ARG A 139 -20.87 13.63 -6.35
CA ARG A 139 -22.23 14.11 -6.60
C ARG A 139 -23.00 14.50 -5.34
N ALA A 140 -22.91 13.69 -4.29
CA ALA A 140 -23.62 13.95 -3.04
C ALA A 140 -22.95 14.96 -2.11
N PHE A 141 -21.63 14.82 -1.92
CA PHE A 141 -20.89 15.66 -1.01
C PHE A 141 -19.89 16.67 -1.57
N GLN A 142 -19.73 16.73 -2.88
CA GLN A 142 -18.77 17.64 -3.48
C GLN A 142 -17.40 17.58 -2.78
N ALA A 143 -16.45 16.96 -3.45
CA ALA A 143 -15.11 16.84 -2.91
C ALA A 143 -14.33 18.10 -3.29
N LYS A 144 -13.10 18.19 -2.82
CA LYS A 144 -12.25 19.31 -3.10
C LYS A 144 -10.80 18.89 -2.89
N ARG A 145 -10.61 17.68 -2.36
CA ARG A 145 -9.26 17.21 -2.07
C ARG A 145 -9.15 15.69 -1.86
N VAL A 146 -8.49 14.98 -2.77
CA VAL A 146 -8.30 13.52 -2.64
C VAL A 146 -6.83 13.12 -2.56
N ILE A 147 -6.51 12.25 -1.62
CA ILE A 147 -5.16 11.79 -1.39
C ILE A 147 -5.09 10.26 -1.43
N VAL A 148 -4.80 9.69 -2.59
CA VAL A 148 -4.76 8.23 -2.66
C VAL A 148 -3.38 7.57 -2.66
N ALA A 149 -3.34 6.40 -2.05
CA ALA A 149 -2.14 5.57 -1.96
C ALA A 149 -2.61 4.27 -2.60
N THR A 150 -1.95 3.96 -3.71
CA THR A 150 -2.24 2.81 -4.53
C THR A 150 -1.45 1.57 -4.13
N TYR A 151 -2.11 0.43 -4.23
CA TYR A 151 -1.55 -0.89 -3.92
C TYR A 151 -1.81 -1.63 -5.25
N GLN A 152 -1.10 -1.24 -6.30
CA GLN A 152 -1.31 -1.83 -7.62
C GLN A 152 -0.77 -3.23 -7.89
N ALA A 153 -1.40 -3.91 -8.86
CA ALA A 153 -1.06 -5.28 -9.21
C ALA A 153 -0.18 -5.55 -10.42
N ALA A 154 0.25 -6.79 -10.54
CA ALA A 154 1.11 -7.24 -11.64
C ALA A 154 0.39 -7.19 -13.00
N SER A 155 -0.88 -7.54 -13.04
CA SER A 155 -1.59 -7.52 -14.32
C SER A 155 -1.53 -6.15 -15.01
N GLY A 156 -1.38 -5.09 -14.21
CA GLY A 156 -1.30 -3.75 -14.77
C GLY A 156 -0.09 -3.62 -15.67
N ALA A 157 0.88 -4.52 -15.44
CA ALA A 157 2.12 -4.54 -16.22
C ALA A 157 2.00 -5.60 -17.32
N GLY A 158 0.78 -5.98 -17.64
CA GLY A 158 0.54 -6.96 -18.68
C GLY A 158 0.60 -8.39 -18.20
N ALA A 159 0.31 -9.34 -19.09
CA ALA A 159 0.32 -10.75 -18.76
C ALA A 159 1.71 -11.31 -18.45
N LYS A 160 2.70 -10.95 -19.26
CA LYS A 160 4.06 -11.43 -19.04
C LYS A 160 4.54 -11.12 -17.62
N ALA A 161 4.05 -10.02 -17.08
CA ALA A 161 4.43 -9.60 -15.74
C ALA A 161 3.64 -10.34 -14.66
N MET A 162 2.44 -10.81 -15.00
CA MET A 162 1.60 -11.54 -14.05
C MET A 162 2.27 -12.89 -13.83
N GLU A 163 2.82 -13.41 -14.92
CA GLU A 163 3.51 -14.70 -14.94
C GLU A 163 4.81 -14.59 -14.17
N GLU A 164 5.52 -13.50 -14.40
CA GLU A 164 6.81 -13.25 -13.77
C GLU A 164 6.68 -13.38 -12.26
N LEU A 165 5.64 -12.77 -11.73
CA LEU A 165 5.43 -12.81 -10.30
C LEU A 165 5.26 -14.24 -9.78
N LEU A 166 4.65 -15.11 -10.57
CA LEU A 166 4.45 -16.48 -10.15
C LEU A 166 5.79 -17.20 -10.07
N THR A 167 6.46 -17.24 -11.22
CA THR A 167 7.74 -17.88 -11.35
C THR A 167 8.76 -17.27 -10.42
N GLU A 168 8.83 -15.95 -10.35
CA GLU A 168 9.81 -15.31 -9.48
C GLU A 168 9.62 -15.59 -8.00
N THR A 169 8.40 -15.40 -7.50
CA THR A 169 8.13 -15.65 -6.09
C THR A 169 8.48 -17.10 -5.83
N HIS A 170 8.44 -17.90 -6.90
CA HIS A 170 8.74 -19.33 -6.79
C HIS A 170 10.22 -19.60 -6.57
N ARG A 171 11.05 -18.98 -7.39
CA ARG A 171 12.48 -19.17 -7.24
C ARG A 171 12.92 -18.54 -5.92
N PHE A 172 12.27 -17.43 -5.54
CA PHE A 172 12.56 -16.77 -4.26
C PHE A 172 12.50 -17.83 -3.15
N LEU A 173 11.34 -18.47 -2.98
CA LEU A 173 11.16 -19.51 -1.97
C LEU A 173 12.21 -20.60 -2.03
N HIS A 174 12.90 -20.72 -3.16
CA HIS A 174 13.90 -21.77 -3.33
C HIS A 174 15.34 -21.29 -3.21
N GLY A 175 15.50 -20.02 -2.88
CA GLY A 175 16.84 -19.48 -2.70
C GLY A 175 17.37 -18.55 -3.77
N GLU A 176 17.26 -18.97 -5.03
CA GLU A 176 17.78 -18.17 -6.14
C GLU A 176 17.22 -16.74 -6.22
N ALA A 177 18.13 -15.78 -6.34
CA ALA A 177 17.76 -14.35 -6.41
C ALA A 177 16.83 -14.07 -7.57
N PRO A 178 15.69 -13.42 -7.27
CA PRO A 178 14.71 -13.09 -8.32
C PRO A 178 15.31 -12.37 -9.52
N LYS A 179 14.92 -12.82 -10.70
CA LYS A 179 15.38 -12.24 -11.96
C LYS A 179 14.40 -11.16 -12.42
N ALA A 180 14.52 -9.96 -11.86
CA ALA A 180 13.64 -8.86 -12.24
C ALA A 180 13.79 -8.57 -13.73
N GLU A 181 12.65 -8.53 -14.44
CA GLU A 181 12.68 -8.28 -15.88
C GLU A 181 11.51 -7.45 -16.35
N ALA A 182 10.34 -7.74 -15.80
CA ALA A 182 9.10 -7.08 -16.20
C ALA A 182 8.76 -5.84 -15.39
N PHE A 183 9.47 -5.63 -14.30
CA PHE A 183 9.24 -4.48 -13.47
C PHE A 183 10.54 -3.71 -13.38
N ALA A 184 10.55 -2.62 -12.63
CA ALA A 184 11.78 -1.82 -12.52
C ALA A 184 12.79 -2.55 -11.64
N HIS A 185 12.27 -3.42 -10.77
CA HIS A 185 13.07 -4.17 -9.83
C HIS A 185 12.42 -5.54 -9.60
N PRO A 186 12.95 -6.36 -8.67
CA PRO A 186 12.32 -7.66 -8.43
C PRO A 186 11.12 -7.44 -7.50
N LEU A 187 9.92 -7.78 -7.94
CA LEU A 187 8.72 -7.56 -7.13
C LEU A 187 8.34 -8.62 -6.11
N PRO A 188 8.93 -9.82 -6.15
CA PRO A 188 8.52 -10.80 -5.14
C PRO A 188 8.85 -10.31 -3.73
N PHE A 189 7.85 -10.28 -2.85
CA PHE A 189 8.02 -9.83 -1.47
C PHE A 189 8.60 -8.44 -1.37
N ASN A 190 7.97 -7.50 -2.06
CA ASN A 190 8.50 -6.15 -2.04
C ASN A 190 7.52 -5.18 -2.67
N VAL A 191 7.77 -3.89 -2.53
CA VAL A 191 6.88 -2.94 -3.17
C VAL A 191 7.74 -1.92 -3.88
N ILE A 192 7.28 -1.46 -5.03
CA ILE A 192 8.03 -0.50 -5.86
C ILE A 192 7.25 0.80 -5.91
N PRO A 193 7.69 1.84 -5.20
CA PRO A 193 6.95 3.11 -5.25
C PRO A 193 7.21 3.76 -6.61
N HIS A 194 7.05 2.97 -7.65
CA HIS A 194 7.29 3.44 -8.99
C HIS A 194 6.43 2.68 -10.00
N ILE A 195 5.40 3.32 -10.52
CA ILE A 195 4.59 2.63 -11.51
C ILE A 195 4.93 3.07 -12.92
N ASP A 196 4.83 4.36 -13.22
CA ASP A 196 5.14 4.79 -14.59
C ASP A 196 6.36 5.69 -14.84
N ALA A 197 6.19 6.69 -15.69
CA ALA A 197 7.26 7.62 -16.05
C ALA A 197 7.30 8.84 -15.15
N PHE A 198 8.48 9.21 -14.67
CA PHE A 198 8.63 10.36 -13.79
C PHE A 198 8.56 11.63 -14.59
N GLN A 199 7.73 12.55 -14.13
CA GLN A 199 7.57 13.83 -14.79
C GLN A 199 8.40 14.85 -14.04
N GLU A 200 8.25 16.12 -14.40
CA GLU A 200 9.03 17.19 -13.78
C GLU A 200 8.63 17.54 -12.35
N ASN A 201 7.34 17.40 -12.03
CA ASN A 201 6.91 17.74 -10.67
C ASN A 201 7.15 16.65 -9.61
N GLY A 202 7.67 15.49 -10.03
CA GLY A 202 7.96 14.44 -9.08
C GLY A 202 7.14 13.16 -9.20
N TYR A 203 5.87 13.32 -9.57
CA TYR A 203 4.95 12.21 -9.75
C TYR A 203 5.28 11.40 -11.01
N THR A 204 4.62 10.26 -11.14
CA THR A 204 4.80 9.38 -12.29
C THR A 204 3.59 9.55 -13.18
N ARG A 205 3.72 9.16 -14.46
CA ARG A 205 2.60 9.28 -15.39
C ARG A 205 1.38 8.60 -14.80
N GLU A 206 1.59 7.49 -14.10
CA GLU A 206 0.47 6.77 -13.50
C GLU A 206 -0.22 7.68 -12.47
N GLU A 207 0.53 8.13 -11.48
CA GLU A 207 0.01 9.02 -10.46
C GLU A 207 -0.75 10.18 -11.10
N MET A 208 -0.10 10.85 -12.04
CA MET A 208 -0.67 12.00 -12.73
C MET A 208 -2.01 11.80 -13.43
N LYS A 209 -2.29 10.55 -13.77
CA LYS A 209 -3.52 10.17 -14.42
C LYS A 209 -4.68 10.24 -13.44
N VAL A 210 -4.46 9.81 -12.20
CA VAL A 210 -5.50 9.84 -11.18
C VAL A 210 -6.11 11.23 -11.16
N VAL A 211 -5.34 12.22 -11.63
CA VAL A 211 -5.78 13.61 -11.66
C VAL A 211 -6.37 14.06 -13.01
N TRP A 212 -5.55 14.09 -14.06
CA TRP A 212 -6.02 14.52 -15.39
C TRP A 212 -7.28 13.75 -15.85
N GLU A 213 -7.36 12.48 -15.50
CA GLU A 213 -8.52 11.70 -15.91
C GLU A 213 -9.73 12.09 -15.09
N THR A 214 -9.52 12.32 -13.78
CA THR A 214 -10.62 12.71 -12.89
C THR A 214 -11.14 14.10 -13.29
N HIS A 215 -10.21 15.05 -13.40
CA HIS A 215 -10.55 16.41 -13.77
C HIS A 215 -11.39 16.49 -15.04
N LYS A 216 -11.32 15.47 -15.88
CA LYS A 216 -12.09 15.43 -17.11
C LYS A 216 -13.31 14.52 -17.01
N ILE A 217 -13.10 13.32 -16.45
CA ILE A 217 -14.17 12.34 -16.28
C ILE A 217 -15.29 12.94 -15.42
N PHE A 218 -14.92 13.89 -14.56
CA PHE A 218 -15.89 14.56 -13.69
C PHE A 218 -16.15 15.97 -14.23
N GLY A 219 -15.26 16.44 -15.10
CA GLY A 219 -15.43 17.76 -15.64
C GLY A 219 -15.40 18.78 -14.51
N ASP A 220 -14.32 18.73 -13.73
CA ASP A 220 -14.09 19.66 -12.61
C ASP A 220 -12.59 19.74 -12.38
N ASP A 221 -11.96 20.75 -12.97
CA ASP A 221 -10.52 20.97 -12.87
C ASP A 221 -10.19 21.48 -11.48
N THR A 222 -11.22 21.70 -10.66
CA THR A 222 -11.03 22.24 -9.33
C THR A 222 -10.70 21.27 -8.17
N ILE A 223 -10.76 19.95 -8.41
CA ILE A 223 -10.47 18.98 -7.34
C ILE A 223 -8.97 18.77 -7.13
N ARG A 224 -8.49 19.00 -5.91
CA ARG A 224 -7.06 18.83 -5.58
C ARG A 224 -6.80 17.35 -5.40
N ILE A 225 -6.00 16.75 -6.27
CA ILE A 225 -5.75 15.34 -6.12
C ILE A 225 -4.26 15.00 -6.06
N SER A 226 -3.88 14.23 -5.04
CA SER A 226 -2.50 13.77 -4.83
C SER A 226 -2.61 12.26 -4.83
N ALA A 227 -1.60 11.56 -5.32
CA ALA A 227 -1.64 10.09 -5.36
C ALA A 227 -0.25 9.47 -5.47
N THR A 228 -0.03 8.36 -4.77
CA THR A 228 1.24 7.64 -4.82
C THR A 228 0.97 6.27 -5.37
N ALA A 229 1.37 6.01 -6.60
CA ALA A 229 1.15 4.71 -7.21
C ALA A 229 2.21 3.72 -6.73
N VAL A 230 1.78 2.65 -6.08
CA VAL A 230 2.76 1.66 -5.63
C VAL A 230 2.39 0.27 -6.14
N ARG A 231 3.40 -0.42 -6.67
CA ARG A 231 3.26 -1.75 -7.23
C ARG A 231 3.43 -2.74 -6.08
N VAL A 232 2.67 -3.83 -6.04
CA VAL A 232 2.81 -4.79 -4.95
C VAL A 232 2.59 -6.22 -5.43
N PRO A 233 3.01 -7.20 -4.62
CA PRO A 233 2.85 -8.61 -5.00
C PRO A 233 1.42 -9.13 -5.02
N THR A 234 0.71 -8.81 -6.08
CA THR A 234 -0.66 -9.26 -6.24
C THR A 234 -0.93 -9.54 -7.71
N LEU A 235 -1.68 -10.59 -7.99
CA LEU A 235 -1.99 -10.97 -9.36
C LEU A 235 -2.74 -9.90 -10.13
N ARG A 236 -4.07 -9.89 -10.01
CA ARG A 236 -4.90 -8.96 -10.79
C ARG A 236 -5.76 -7.88 -10.13
N ALA A 237 -5.66 -7.67 -8.81
CA ALA A 237 -6.51 -6.67 -8.15
C ALA A 237 -5.86 -5.36 -7.63
N HIS A 238 -6.41 -4.22 -8.01
CA HIS A 238 -5.85 -2.95 -7.55
C HIS A 238 -6.45 -2.45 -6.23
N ALA A 239 -5.59 -2.09 -5.28
CA ALA A 239 -6.05 -1.55 -4.00
C ALA A 239 -5.67 -0.07 -3.88
N GLU A 240 -6.49 0.73 -3.22
CA GLU A 240 -6.14 2.14 -3.06
C GLU A 240 -6.79 2.82 -1.87
N ALA A 241 -5.99 3.06 -0.82
CA ALA A 241 -6.50 3.73 0.37
C ALA A 241 -6.80 5.16 -0.03
N VAL A 242 -8.08 5.52 0.03
CA VAL A 242 -8.52 6.85 -0.36
C VAL A 242 -8.86 7.78 0.81
N SER A 243 -8.76 9.08 0.56
CA SER A 243 -9.07 10.08 1.57
C SER A 243 -9.61 11.28 0.82
N VAL A 244 -10.54 12.00 1.45
CA VAL A 244 -11.14 13.15 0.79
C VAL A 244 -11.60 14.23 1.77
N GLU A 245 -11.64 15.46 1.27
CA GLU A 245 -12.12 16.57 2.07
C GLU A 245 -13.37 17.00 1.28
N PHE A 246 -14.50 17.15 1.99
CA PHE A 246 -15.75 17.52 1.33
C PHE A 246 -16.28 18.91 1.55
N ALA A 247 -17.28 19.26 0.75
CA ALA A 247 -17.92 20.57 0.86
C ALA A 247 -18.97 20.42 1.93
N ARG A 248 -19.83 19.43 1.71
CA ARG A 248 -20.93 19.13 2.62
C ARG A 248 -20.45 18.19 3.70
N PRO A 249 -21.10 18.26 4.87
CA PRO A 249 -20.79 17.44 6.06
C PRO A 249 -20.96 15.98 5.72
N VAL A 250 -19.87 15.21 5.81
CA VAL A 250 -19.98 13.80 5.52
C VAL A 250 -20.48 13.12 6.74
N THR A 251 -20.68 11.83 6.57
CA THR A 251 -21.19 10.96 7.61
C THR A 251 -20.85 9.58 7.10
N PRO A 252 -20.05 8.82 7.86
CA PRO A 252 -19.78 7.49 7.32
C PRO A 252 -21.10 6.76 7.11
N GLU A 253 -22.14 7.18 7.84
CA GLU A 253 -23.46 6.56 7.69
C GLU A 253 -24.28 7.16 6.56
N ALA A 254 -23.83 8.27 5.99
CA ALA A 254 -24.56 8.86 4.89
C ALA A 254 -23.88 8.45 3.59
N ALA A 255 -22.58 8.21 3.65
CA ALA A 255 -21.83 7.81 2.47
C ALA A 255 -22.12 6.34 2.19
N ARG A 256 -22.50 5.63 3.25
CA ARG A 256 -22.84 4.20 3.21
C ARG A 256 -24.13 3.94 2.46
N GLU A 257 -25.23 4.45 3.01
CA GLU A 257 -26.54 4.27 2.36
C GLU A 257 -26.40 4.74 0.90
N VAL A 258 -25.85 5.93 0.70
CA VAL A 258 -25.64 6.45 -0.65
C VAL A 258 -24.81 5.44 -1.44
N LEU A 259 -23.65 5.07 -0.91
CA LEU A 259 -22.83 4.09 -1.58
C LEU A 259 -23.65 2.83 -1.78
N LYS A 260 -24.45 2.48 -0.80
CA LYS A 260 -25.29 1.29 -0.88
C LYS A 260 -26.26 1.29 -2.06
N GLU A 261 -26.36 2.42 -2.76
CA GLU A 261 -27.26 2.54 -3.90
C GLU A 261 -26.57 2.63 -5.27
N ALA A 262 -25.34 3.11 -5.28
CA ALA A 262 -24.60 3.26 -6.53
C ALA A 262 -24.48 1.94 -7.30
N PRO A 263 -24.47 2.02 -8.65
CA PRO A 263 -24.36 0.79 -9.43
C PRO A 263 -22.93 0.26 -9.47
N GLY A 264 -22.79 -1.02 -9.78
CA GLY A 264 -21.48 -1.64 -9.85
C GLY A 264 -20.49 -1.24 -8.77
N VAL A 265 -20.97 -1.17 -7.51
CA VAL A 265 -20.09 -0.80 -6.42
C VAL A 265 -20.47 -1.50 -5.11
N GLU A 266 -20.22 -2.79 -5.05
CA GLU A 266 -20.54 -3.57 -3.86
C GLU A 266 -19.96 -2.89 -2.63
N VAL A 267 -20.81 -2.57 -1.68
CA VAL A 267 -20.34 -1.99 -0.45
C VAL A 267 -19.97 -3.18 0.40
N VAL A 268 -18.78 -3.15 0.96
CA VAL A 268 -18.26 -4.21 1.81
C VAL A 268 -17.65 -3.51 3.02
N ASP A 269 -18.43 -3.41 4.10
CA ASP A 269 -17.97 -2.69 5.28
C ASP A 269 -18.45 -3.24 6.62
N GLU A 270 -17.67 -4.13 7.23
CA GLU A 270 -18.02 -4.67 8.53
C GLU A 270 -16.80 -5.00 9.37
N PRO A 271 -16.35 -4.03 10.20
CA PRO A 271 -15.18 -4.22 11.07
C PRO A 271 -15.29 -5.39 12.03
N GLU A 272 -16.30 -5.34 12.89
CA GLU A 272 -16.58 -6.38 13.87
C GLU A 272 -16.42 -7.77 13.25
N ALA A 273 -16.92 -7.91 12.02
CA ALA A 273 -16.84 -9.18 11.34
C ALA A 273 -15.63 -9.30 10.40
N LYS A 274 -14.58 -8.52 10.67
CA LYS A 274 -13.38 -8.53 9.84
C LYS A 274 -13.86 -8.55 8.41
N ARG A 275 -14.72 -7.61 8.06
CA ARG A 275 -15.28 -7.56 6.72
C ARG A 275 -15.04 -6.26 5.95
N TYR A 276 -14.03 -6.28 5.06
CA TYR A 276 -13.62 -5.14 4.26
C TYR A 276 -13.12 -5.55 2.83
N PRO A 277 -12.88 -4.57 1.94
CA PRO A 277 -12.41 -4.88 0.59
C PRO A 277 -11.03 -5.54 0.52
N MET A 278 -10.87 -6.48 -0.40
CA MET A 278 -9.62 -7.19 -0.55
C MET A 278 -9.44 -7.81 -1.93
N PRO A 279 -8.22 -7.72 -2.49
CA PRO A 279 -8.03 -8.32 -3.81
C PRO A 279 -8.43 -9.81 -3.75
N LEU A 280 -8.51 -10.33 -2.54
CA LEU A 280 -8.88 -11.72 -2.32
C LEU A 280 -10.24 -12.04 -2.91
N THR A 281 -11.15 -11.09 -2.75
CA THR A 281 -12.53 -11.21 -3.20
C THR A 281 -12.89 -10.22 -4.31
N ALA A 282 -12.05 -9.22 -4.52
CA ALA A 282 -12.33 -8.26 -5.58
C ALA A 282 -12.03 -8.90 -6.95
N SER A 283 -10.84 -9.48 -7.09
CA SER A 283 -10.44 -10.11 -8.35
C SER A 283 -11.45 -11.15 -8.86
N GLY A 284 -12.08 -10.85 -9.98
CA GLY A 284 -13.05 -11.75 -10.55
C GLY A 284 -14.41 -11.12 -10.72
N LYS A 285 -14.88 -10.40 -9.70
CA LYS A 285 -16.18 -9.77 -9.73
C LYS A 285 -16.21 -8.54 -10.64
N TRP A 286 -17.36 -8.20 -11.21
CA TRP A 286 -17.43 -7.02 -12.08
C TRP A 286 -17.52 -5.80 -11.18
N ASP A 287 -17.91 -6.02 -9.94
CA ASP A 287 -18.00 -4.90 -9.02
C ASP A 287 -16.68 -4.50 -8.41
N VAL A 288 -16.76 -3.42 -7.66
CA VAL A 288 -15.63 -2.88 -6.95
C VAL A 288 -16.13 -2.93 -5.54
N GLU A 289 -15.30 -3.36 -4.62
CA GLU A 289 -15.73 -3.39 -3.23
C GLU A 289 -15.22 -2.11 -2.61
N VAL A 290 -15.95 -1.61 -1.61
CA VAL A 290 -15.55 -0.38 -0.91
C VAL A 290 -15.82 -0.52 0.60
N GLY A 291 -14.79 -0.29 1.40
CA GLY A 291 -14.93 -0.42 2.83
C GLY A 291 -14.09 0.56 3.62
N ARG A 292 -14.03 0.29 4.92
CA ARG A 292 -13.28 1.11 5.86
C ARG A 292 -13.73 2.56 5.90
N ILE A 293 -14.96 2.79 5.46
CA ILE A 293 -15.52 4.14 5.50
C ILE A 293 -15.41 4.63 6.92
N ARG A 294 -14.66 5.69 7.15
CA ARG A 294 -14.52 6.23 8.50
C ARG A 294 -14.36 7.73 8.50
N LYS A 295 -14.92 8.37 9.53
CA LYS A 295 -14.83 9.82 9.61
C LYS A 295 -13.36 10.16 9.70
N SER A 296 -12.86 10.82 8.67
CA SER A 296 -11.46 11.22 8.61
C SER A 296 -11.02 12.16 9.73
N LEU A 297 -9.85 11.90 10.30
CA LEU A 297 -9.35 12.79 11.33
C LEU A 297 -8.43 13.85 10.73
N ALA A 298 -7.86 13.55 9.56
CA ALA A 298 -6.97 14.48 8.88
C ALA A 298 -7.70 15.78 8.53
N PHE A 299 -8.76 15.65 7.74
CA PHE A 299 -9.56 16.81 7.32
C PHE A 299 -10.66 17.14 8.33
N GLU A 300 -11.11 18.39 8.30
CA GLU A 300 -12.16 18.83 9.22
C GLU A 300 -13.53 18.35 8.74
N ASN A 301 -13.60 17.85 7.52
CA ASN A 301 -14.83 17.28 6.97
C ASN A 301 -14.36 16.26 5.94
N GLY A 302 -13.82 15.16 6.43
CA GLY A 302 -13.30 14.15 5.54
C GLY A 302 -13.71 12.73 5.84
N LEU A 303 -13.22 11.86 4.98
CA LEU A 303 -13.49 10.43 5.01
C LEU A 303 -12.31 9.62 4.53
N ASP A 304 -12.08 8.48 5.18
CA ASP A 304 -11.02 7.58 4.78
C ASP A 304 -11.62 6.24 4.38
N PHE A 305 -11.64 5.92 3.09
CA PHE A 305 -12.18 4.64 2.67
C PHE A 305 -11.10 3.86 1.94
N PHE A 306 -11.37 2.58 1.69
CA PHE A 306 -10.45 1.67 0.99
C PHE A 306 -11.25 1.11 -0.17
N VAL A 307 -10.61 0.84 -1.28
CA VAL A 307 -11.34 0.34 -2.44
C VAL A 307 -10.60 -0.71 -3.21
N VAL A 308 -11.32 -1.67 -3.75
CA VAL A 308 -10.68 -2.69 -4.54
C VAL A 308 -11.53 -2.97 -5.76
N GLY A 309 -10.89 -3.19 -6.89
CA GLY A 309 -11.61 -3.49 -8.11
C GLY A 309 -10.70 -4.34 -8.96
N ASP A 310 -11.27 -5.26 -9.72
CA ASP A 310 -10.44 -6.12 -10.56
C ASP A 310 -9.82 -5.24 -11.61
N GLN A 311 -8.50 -5.33 -11.75
CA GLN A 311 -7.75 -4.52 -12.69
C GLN A 311 -7.93 -4.88 -14.18
N LEU A 312 -8.15 -6.14 -14.50
CA LEU A 312 -8.37 -6.51 -15.89
C LEU A 312 -9.81 -6.32 -16.30
N LEU A 313 -10.68 -6.10 -15.33
CA LEU A 313 -12.08 -5.89 -15.60
C LEU A 313 -12.40 -4.42 -15.73
N LYS A 314 -11.56 -3.58 -15.12
CA LYS A 314 -11.74 -2.14 -15.22
C LYS A 314 -10.76 -1.71 -16.32
N GLY A 315 -10.91 -2.46 -17.40
CA GLY A 315 -10.18 -2.30 -18.62
C GLY A 315 -11.28 -2.78 -19.54
N ALA A 316 -11.55 -4.08 -19.47
CA ALA A 316 -12.56 -4.72 -20.31
C ALA A 316 -14.04 -4.60 -19.94
N ALA A 317 -14.38 -4.56 -18.66
CA ALA A 317 -15.81 -4.48 -18.27
C ALA A 317 -16.40 -3.15 -18.62
N LEU A 318 -15.64 -2.09 -18.41
CA LEU A 318 -16.12 -0.75 -18.73
C LEU A 318 -16.04 -0.48 -20.24
N ASN A 319 -15.33 -1.35 -20.95
CA ASN A 319 -15.17 -1.26 -22.40
C ASN A 319 -16.41 -1.83 -23.07
N ALA A 320 -16.52 -3.15 -23.03
CA ALA A 320 -17.62 -3.88 -23.61
C ALA A 320 -18.93 -3.33 -23.05
N VAL A 321 -18.82 -2.53 -22.00
CA VAL A 321 -20.01 -1.95 -21.37
C VAL A 321 -20.35 -0.56 -21.91
N GLN A 322 -19.35 0.19 -22.36
CA GLN A 322 -19.61 1.52 -22.91
C GLN A 322 -20.41 1.32 -24.16
N ILE A 323 -20.10 0.23 -24.86
CA ILE A 323 -20.80 -0.12 -26.09
C ILE A 323 -22.24 -0.54 -25.77
N ALA A 324 -22.41 -1.38 -24.76
CA ALA A 324 -23.73 -1.82 -24.36
C ALA A 324 -24.61 -0.59 -24.21
N GLU A 325 -24.00 0.53 -23.81
CA GLU A 325 -24.72 1.78 -23.64
C GLU A 325 -24.85 2.47 -24.98
N GLU A 326 -23.78 2.44 -25.76
CA GLU A 326 -23.81 3.06 -27.09
C GLU A 326 -25.17 2.65 -27.62
N TRP A 327 -25.45 1.36 -27.57
CA TRP A 327 -26.74 0.82 -28.00
C TRP A 327 -27.88 1.71 -27.50
N LEU A 328 -27.87 2.05 -26.22
CA LEU A 328 -28.89 2.92 -25.64
C LEU A 328 -28.80 4.35 -26.24
N MET B 1 26.94 -3.99 35.16
CA MET B 1 25.98 -3.80 34.03
C MET B 1 25.36 -5.12 33.60
N ARG B 2 24.15 -5.38 34.03
CA ARG B 2 23.47 -6.62 33.69
C ARG B 2 22.20 -6.37 32.90
N VAL B 3 21.91 -7.25 31.94
CA VAL B 3 20.71 -7.08 31.15
C VAL B 3 19.94 -8.38 30.99
N ALA B 4 18.64 -8.26 30.79
CA ALA B 4 17.83 -9.43 30.59
C ALA B 4 16.92 -9.20 29.40
N VAL B 5 16.49 -10.31 28.80
CA VAL B 5 15.58 -10.20 27.69
C VAL B 5 14.31 -10.97 28.04
N VAL B 6 13.18 -10.26 28.16
CA VAL B 6 11.92 -10.93 28.46
C VAL B 6 11.21 -11.14 27.12
N GLY B 7 11.32 -12.35 26.59
CA GLY B 7 10.74 -12.65 25.29
C GLY B 7 12.00 -12.87 24.47
N ALA B 8 12.95 -13.52 25.13
CA ALA B 8 14.24 -13.82 24.55
C ALA B 8 14.22 -14.68 23.30
N THR B 9 13.08 -15.33 23.01
CA THR B 9 12.97 -16.22 21.84
C THR B 9 12.08 -15.68 20.72
N GLY B 10 11.34 -14.62 21.00
CA GLY B 10 10.46 -14.05 20.00
C GLY B 10 11.26 -13.38 18.91
N ALA B 11 10.65 -13.14 17.76
CA ALA B 11 11.38 -12.50 16.68
C ALA B 11 12.14 -11.26 17.14
N VAL B 12 11.53 -10.47 18.01
CA VAL B 12 12.15 -9.24 18.49
C VAL B 12 13.26 -9.50 19.52
N GLY B 13 13.14 -10.59 20.26
CA GLY B 13 14.14 -10.89 21.25
C GLY B 13 15.42 -11.22 20.53
N ARG B 14 15.27 -11.91 19.39
CA ARG B 14 16.37 -12.33 18.56
C ARG B 14 17.10 -11.23 17.78
N GLU B 15 16.47 -10.06 17.58
CA GLU B 15 17.15 -8.98 16.87
C GLU B 15 17.89 -8.21 17.95
N ILE B 16 17.24 -8.09 19.09
CA ILE B 16 17.82 -7.40 20.23
C ILE B 16 19.25 -7.89 20.43
N LEU B 17 19.41 -9.14 20.85
CA LEU B 17 20.73 -9.70 21.10
C LEU B 17 21.68 -9.69 19.91
N LYS B 18 21.16 -9.56 18.71
CA LYS B 18 22.08 -9.50 17.59
C LYS B 18 22.53 -8.07 17.29
N VAL B 19 21.79 -7.07 17.77
CA VAL B 19 22.22 -5.68 17.57
C VAL B 19 22.89 -5.30 18.88
N LEU B 20 22.81 -6.24 19.83
CA LEU B 20 23.41 -6.13 21.16
C LEU B 20 24.83 -6.55 20.86
N GLU B 21 24.92 -7.71 20.23
CA GLU B 21 26.17 -8.33 19.83
C GLU B 21 26.84 -7.54 18.68
N ALA B 22 26.02 -6.83 17.90
CA ALA B 22 26.49 -6.05 16.74
C ALA B 22 26.90 -4.60 17.02
N ARG B 23 26.33 -3.98 18.03
CA ARG B 23 26.71 -2.62 18.33
C ARG B 23 27.67 -2.70 19.52
N ASN B 24 28.20 -3.89 19.73
CA ASN B 24 29.12 -4.18 20.84
C ASN B 24 28.68 -3.53 22.15
N PHE B 25 27.50 -3.92 22.60
CA PHE B 25 26.89 -3.39 23.81
C PHE B 25 27.67 -3.62 25.11
N PRO B 26 27.84 -2.55 25.91
CA PRO B 26 28.55 -2.54 27.20
C PRO B 26 27.92 -3.38 28.32
N LEU B 27 27.25 -4.48 27.98
CA LEU B 27 26.62 -5.30 29.03
C LEU B 27 27.69 -6.02 29.83
N SER B 28 27.27 -6.85 30.76
CA SER B 28 28.21 -7.59 31.57
C SER B 28 27.55 -8.86 32.06
N GLU B 29 26.24 -8.96 31.84
CA GLU B 29 25.45 -10.13 32.23
C GLU B 29 24.60 -10.51 31.05
N LEU B 30 24.41 -11.81 30.87
CA LEU B 30 23.63 -12.32 29.75
C LEU B 30 22.48 -13.21 30.19
N ARG B 31 21.44 -12.57 30.75
CA ARG B 31 20.25 -13.28 31.21
C ARG B 31 19.13 -13.18 30.17
N LEU B 32 18.82 -14.31 29.54
CA LEU B 32 17.78 -14.34 28.55
C LEU B 32 16.55 -14.97 29.19
N TYR B 33 15.41 -14.27 29.08
CA TYR B 33 14.16 -14.74 29.66
C TYR B 33 13.02 -14.91 28.67
N ALA B 34 12.19 -15.90 28.94
CA ALA B 34 11.05 -16.19 28.08
C ALA B 34 10.00 -16.90 28.89
N SER B 35 8.75 -16.87 28.42
CA SER B 35 7.66 -17.53 29.14
C SER B 35 7.84 -19.05 29.08
N PRO B 36 7.33 -19.76 30.11
CA PRO B 36 7.41 -21.23 30.24
C PRO B 36 7.18 -22.01 28.94
N ARG B 37 6.43 -21.44 28.01
CA ARG B 37 6.17 -22.10 26.74
C ARG B 37 7.52 -22.53 26.20
N SER B 38 8.51 -21.69 26.48
CA SER B 38 9.90 -21.90 26.09
C SER B 38 10.73 -21.78 27.37
N ALA B 39 10.91 -22.91 28.05
CA ALA B 39 11.69 -22.99 29.29
C ALA B 39 12.85 -23.96 29.10
N GLY B 40 13.05 -24.37 27.84
CA GLY B 40 14.12 -25.28 27.51
C GLY B 40 14.63 -25.04 26.11
N VAL B 41 15.49 -24.04 25.94
CA VAL B 41 16.05 -23.69 24.65
C VAL B 41 17.32 -22.84 24.84
N ARG B 42 18.19 -22.84 23.83
CA ARG B 42 19.45 -22.06 23.89
C ARG B 42 19.66 -21.18 22.65
N LEU B 43 19.98 -19.91 22.88
CA LEU B 43 20.22 -18.96 21.80
C LEU B 43 21.70 -18.76 21.68
N ALA B 44 22.09 -18.04 20.63
CA ALA B 44 23.48 -17.72 20.39
C ALA B 44 23.77 -16.30 20.88
N PHE B 45 25.04 -15.97 21.02
CA PHE B 45 25.49 -14.66 21.48
C PHE B 45 27.02 -14.74 21.66
N ARG B 46 27.74 -13.83 21.03
CA ARG B 46 29.19 -13.79 21.11
C ARG B 46 29.87 -15.16 21.07
N GLY B 47 29.35 -16.07 20.25
CA GLY B 47 29.93 -17.40 20.12
C GLY B 47 29.30 -18.45 21.00
N GLU B 48 29.21 -18.17 22.30
CA GLU B 48 28.62 -19.13 23.25
C GLU B 48 27.12 -19.11 23.20
N GLU B 49 26.53 -20.23 23.57
CA GLU B 49 25.08 -20.33 23.64
C GLU B 49 24.71 -19.97 25.07
N ILE B 50 23.45 -19.56 25.27
CA ILE B 50 22.99 -19.22 26.59
C ILE B 50 21.67 -19.93 26.81
N PRO B 51 21.43 -20.44 28.01
CA PRO B 51 20.14 -21.10 28.15
C PRO B 51 19.06 -20.01 28.32
N VAL B 52 17.82 -20.31 27.93
CA VAL B 52 16.73 -19.37 28.07
C VAL B 52 15.84 -19.72 29.29
N GLU B 53 15.56 -18.73 30.13
CA GLU B 53 14.74 -19.01 31.30
C GLU B 53 13.28 -18.62 31.21
N PRO B 54 12.42 -19.36 31.95
CA PRO B 54 10.97 -19.12 31.98
C PRO B 54 10.77 -17.95 32.93
N LEU B 55 9.94 -16.98 32.55
CA LEU B 55 9.73 -15.82 33.40
C LEU B 55 9.33 -16.11 34.83
N PRO B 56 10.25 -15.86 35.77
CA PRO B 56 10.12 -16.05 37.22
C PRO B 56 9.13 -15.13 37.91
N GLU B 57 8.29 -15.73 38.74
CA GLU B 57 7.32 -14.98 39.52
C GLU B 57 8.13 -14.51 40.72
N GLY B 58 9.29 -13.92 40.45
CA GLY B 58 10.15 -13.43 41.52
C GLY B 58 11.09 -12.32 41.08
N PRO B 59 10.61 -11.36 40.27
CA PRO B 59 11.37 -10.22 39.74
C PRO B 59 12.70 -9.89 40.41
N LEU B 60 13.76 -9.98 39.59
CA LEU B 60 15.15 -9.74 40.00
C LEU B 60 15.86 -10.69 39.03
N PRO B 61 17.19 -10.59 38.87
CA PRO B 61 18.19 -9.68 39.45
C PRO B 61 18.99 -9.00 38.33
N VAL B 62 18.69 -7.73 38.06
CA VAL B 62 19.40 -7.05 37.00
C VAL B 62 19.28 -5.54 37.06
N ASP B 63 20.04 -4.86 36.21
CA ASP B 63 20.05 -3.40 36.14
C ASP B 63 19.18 -2.95 34.98
N LEU B 64 19.45 -3.50 33.79
CA LEU B 64 18.67 -3.16 32.62
C LEU B 64 17.77 -4.30 32.18
N VAL B 65 16.62 -3.95 31.61
CA VAL B 65 15.69 -4.96 31.12
C VAL B 65 14.96 -4.57 29.82
N LEU B 66 15.34 -5.28 28.76
CA LEU B 66 14.74 -5.09 27.46
C LEU B 66 13.62 -6.13 27.39
N ALA B 67 12.41 -5.69 27.73
CA ALA B 67 11.24 -6.56 27.72
C ALA B 67 10.59 -6.56 26.34
N SER B 68 10.19 -7.74 25.88
CA SER B 68 9.56 -7.91 24.57
C SER B 68 8.76 -9.23 24.56
N ALA B 69 7.93 -9.42 25.57
CA ALA B 69 7.16 -10.66 25.68
C ALA B 69 5.64 -10.50 25.68
N GLY B 70 5.15 -9.43 25.07
CA GLY B 70 3.72 -9.20 25.03
C GLY B 70 3.23 -8.01 25.84
N GLY B 71 1.92 -7.91 26.00
CA GLY B 71 1.32 -6.81 26.73
C GLY B 71 0.80 -7.20 28.11
N GLY B 72 0.23 -8.39 28.22
CA GLY B 72 -0.29 -8.83 29.49
C GLY B 72 0.83 -9.10 30.47
N ILE B 73 1.98 -9.53 29.98
CA ILE B 73 3.08 -9.82 30.86
C ILE B 73 3.85 -8.59 31.30
N SER B 74 3.95 -7.60 30.43
CA SER B 74 4.67 -6.38 30.81
C SER B 74 3.84 -5.54 31.76
N ARG B 75 2.53 -5.65 31.61
CA ARG B 75 1.62 -4.91 32.46
C ARG B 75 1.75 -5.42 33.91
N ALA B 76 1.96 -6.73 34.05
CA ALA B 76 2.05 -7.36 35.36
C ALA B 76 3.39 -7.44 36.05
N LYS B 77 4.47 -7.09 35.38
CA LYS B 77 5.77 -7.19 36.05
C LYS B 77 6.67 -5.98 35.84
N ALA B 78 6.30 -5.08 34.94
CA ALA B 78 7.11 -3.90 34.67
C ALA B 78 7.41 -3.19 35.98
N LEU B 79 6.36 -2.90 36.74
CA LEU B 79 6.48 -2.22 38.04
C LEU B 79 7.36 -3.00 39.02
N VAL B 80 7.23 -4.33 38.99
CA VAL B 80 8.00 -5.19 39.88
C VAL B 80 9.48 -5.28 39.48
N TRP B 81 9.73 -5.68 38.23
CA TRP B 81 11.09 -5.78 37.72
C TRP B 81 11.77 -4.46 37.95
N ALA B 82 10.94 -3.42 38.05
CA ALA B 82 11.38 -2.05 38.27
C ALA B 82 11.78 -1.85 39.72
N GLU B 83 10.85 -2.07 40.63
CA GLU B 83 11.13 -1.92 42.05
C GLU B 83 12.41 -2.68 42.45
N GLY B 84 12.71 -3.76 41.73
CA GLY B 84 13.91 -4.53 42.03
C GLY B 84 15.12 -3.62 41.85
N GLY B 85 14.98 -2.67 40.95
CA GLY B 85 16.05 -1.72 40.67
C GLY B 85 16.47 -1.65 39.21
N ALA B 86 15.80 -2.44 38.36
CA ALA B 86 16.12 -2.48 36.94
C ALA B 86 15.42 -1.39 36.16
N LEU B 87 16.00 -1.05 35.01
CA LEU B 87 15.42 -0.06 34.14
C LEU B 87 14.69 -0.85 33.07
N VAL B 88 13.37 -0.72 33.00
CA VAL B 88 12.61 -1.45 32.00
C VAL B 88 12.35 -0.64 30.73
N VAL B 89 12.81 -1.18 29.60
CA VAL B 89 12.63 -0.60 28.30
C VAL B 89 11.69 -1.56 27.54
N ASP B 90 10.41 -1.21 27.46
CA ASP B 90 9.43 -2.10 26.84
C ASP B 90 8.86 -1.75 25.46
N ASN B 91 9.13 -2.65 24.52
CA ASN B 91 8.72 -2.61 23.11
C ASN B 91 7.24 -2.99 22.89
N SER B 92 6.39 -2.83 23.90
CA SER B 92 4.99 -3.21 23.71
C SER B 92 3.94 -2.16 24.11
N SER B 93 2.74 -2.29 23.56
CA SER B 93 1.62 -1.37 23.84
C SER B 93 1.02 -1.67 25.19
N ALA B 94 1.63 -1.18 26.26
CA ALA B 94 1.09 -1.45 27.58
C ALA B 94 1.33 -0.34 28.58
N TRP B 95 2.45 0.37 28.41
CA TRP B 95 2.80 1.49 29.29
C TRP B 95 2.97 2.80 28.50
N ARG B 96 3.20 2.68 27.19
CA ARG B 96 3.41 3.82 26.31
C ARG B 96 2.53 5.06 26.52
N TYR B 97 1.27 4.83 26.89
CA TYR B 97 0.34 5.93 27.10
C TYR B 97 0.10 6.38 28.54
N GLU B 98 0.96 6.01 29.49
CA GLU B 98 0.80 6.45 30.89
C GLU B 98 1.58 7.79 31.07
N PRO B 99 0.92 8.79 31.71
CA PRO B 99 1.47 10.12 31.97
C PRO B 99 2.90 10.21 32.47
N TRP B 100 3.28 9.32 33.38
CA TRP B 100 4.63 9.37 33.95
C TRP B 100 5.64 8.55 33.13
N VAL B 101 5.19 7.93 32.05
CA VAL B 101 6.07 7.11 31.24
C VAL B 101 6.53 7.78 29.95
N PRO B 102 7.86 7.90 29.78
CA PRO B 102 8.38 8.53 28.57
C PRO B 102 8.42 7.60 27.36
N LEU B 103 7.82 8.03 26.27
CA LEU B 103 7.81 7.27 25.03
C LEU B 103 9.00 7.87 24.28
N VAL B 104 10.05 7.09 24.09
CA VAL B 104 11.26 7.60 23.46
C VAL B 104 11.76 7.00 22.14
N VAL B 105 12.28 7.90 21.31
CA VAL B 105 12.92 7.62 20.03
C VAL B 105 14.12 8.54 20.23
N PRO B 106 15.27 7.95 20.54
CA PRO B 106 16.51 8.70 20.79
C PRO B 106 16.68 9.98 19.97
N GLU B 107 16.60 9.83 18.66
CA GLU B 107 16.74 10.91 17.69
C GLU B 107 15.75 12.06 17.85
N VAL B 108 14.70 11.86 18.66
CA VAL B 108 13.70 12.93 18.85
C VAL B 108 13.65 13.50 20.29
N ASN B 109 13.46 12.64 21.29
CA ASN B 109 13.40 13.10 22.68
C ASN B 109 14.32 12.35 23.64
N ARG B 110 15.61 12.28 23.32
CA ARG B 110 16.59 11.59 24.14
C ARG B 110 16.50 12.03 25.60
N GLU B 111 16.45 13.35 25.79
CA GLU B 111 16.34 13.94 27.11
C GLU B 111 15.21 13.33 27.95
N LYS B 112 14.10 12.96 27.31
CA LYS B 112 12.96 12.36 28.03
C LYS B 112 13.41 11.17 28.84
N ILE B 113 14.49 10.53 28.40
CA ILE B 113 15.01 9.38 29.11
C ILE B 113 15.21 9.79 30.57
N PHE B 114 16.09 10.75 30.79
CA PHE B 114 16.44 11.22 32.12
C PHE B 114 15.31 11.94 32.88
N GLN B 115 14.10 11.45 32.72
CA GLN B 115 12.91 12.02 33.38
C GLN B 115 11.90 10.87 33.55
N HIS B 116 12.44 9.67 33.73
CA HIS B 116 11.66 8.45 33.86
C HIS B 116 11.67 7.90 35.29
N ARG B 117 10.70 7.05 35.59
CA ARG B 117 10.58 6.43 36.90
C ARG B 117 10.53 4.92 36.77
N GLY B 118 11.63 4.32 36.33
CA GLY B 118 11.67 2.88 36.19
C GLY B 118 11.32 2.31 34.82
N ILE B 119 10.30 2.88 34.18
CA ILE B 119 9.93 2.40 32.86
C ILE B 119 9.96 3.44 31.74
N ILE B 120 10.57 3.02 30.63
CA ILE B 120 10.68 3.84 29.45
C ILE B 120 9.99 3.07 28.33
N ALA B 121 8.95 3.64 27.76
CA ALA B 121 8.23 2.98 26.68
C ALA B 121 8.99 3.09 25.37
N ASN B 122 8.84 2.09 24.55
CA ASN B 122 9.47 2.07 23.24
C ASN B 122 8.30 2.03 22.26
N PRO B 123 8.08 3.15 21.53
CA PRO B 123 7.00 3.33 20.54
C PRO B 123 6.76 2.25 19.49
N ASN B 124 5.66 2.44 18.76
CA ASN B 124 5.19 1.56 17.70
C ASN B 124 6.09 1.56 16.48
N CYS B 125 6.52 0.37 16.08
CA CYS B 125 7.41 0.21 14.93
C CYS B 125 7.00 1.04 13.70
N THR B 126 5.70 1.23 13.48
CA THR B 126 5.22 2.01 12.35
C THR B 126 5.22 3.50 12.67
N THR B 127 5.78 3.85 13.82
CA THR B 127 5.86 5.23 14.25
C THR B 127 7.32 5.60 14.28
N ALA B 128 8.12 4.74 14.89
CA ALA B 128 9.55 4.95 15.00
C ALA B 128 10.16 5.29 13.64
N ILE B 129 9.97 4.38 12.69
CA ILE B 129 10.50 4.55 11.35
C ILE B 129 9.84 5.74 10.66
N LEU B 130 8.62 6.06 11.07
CA LEU B 130 7.91 7.19 10.48
C LEU B 130 8.34 8.50 11.14
N ALA B 131 8.83 8.41 12.38
CA ALA B 131 9.27 9.58 13.14
C ALA B 131 10.62 10.07 12.67
N MET B 132 11.42 9.14 12.18
CA MET B 132 12.77 9.38 11.68
C MET B 132 12.72 10.30 10.44
N ALA B 133 11.57 10.35 9.77
CA ALA B 133 11.44 11.19 8.60
C ALA B 133 10.68 12.47 8.95
N LEU B 134 9.52 12.29 9.59
CA LEU B 134 8.67 13.42 9.94
C LEU B 134 9.23 14.37 11.00
N TRP B 135 10.12 13.88 11.86
CA TRP B 135 10.66 14.78 12.88
C TRP B 135 11.41 15.98 12.31
N PRO B 136 12.58 15.77 11.69
CA PRO B 136 13.33 16.92 11.13
C PRO B 136 12.46 17.85 10.27
N LEU B 137 11.65 17.25 9.40
CA LEU B 137 10.75 18.01 8.55
C LEU B 137 9.82 18.83 9.45
N HIS B 138 9.44 18.25 10.59
CA HIS B 138 8.54 18.88 11.54
C HIS B 138 9.18 20.03 12.35
N ARG B 139 10.42 19.87 12.77
CA ARG B 139 11.07 20.93 13.55
C ARG B 139 11.81 21.86 12.62
N ALA B 140 11.47 21.81 11.34
CA ALA B 140 12.12 22.67 10.37
C ALA B 140 11.12 23.45 9.54
N PHE B 141 9.93 22.88 9.36
CA PHE B 141 8.88 23.55 8.57
C PHE B 141 7.61 23.57 9.40
N GLN B 142 7.42 22.53 10.19
CA GLN B 142 6.29 22.36 11.10
C GLN B 142 5.09 21.67 10.48
N ALA B 143 4.83 20.44 10.94
CA ALA B 143 3.73 19.62 10.46
C ALA B 143 2.39 20.13 10.97
N LYS B 144 1.34 19.86 10.21
CA LYS B 144 -0.01 20.30 10.57
C LYS B 144 -1.06 19.26 10.19
N ARG B 145 -0.72 18.46 9.19
CA ARG B 145 -1.63 17.43 8.69
C ARG B 145 -0.83 16.34 8.02
N VAL B 146 -0.85 15.16 8.61
CA VAL B 146 -0.15 14.01 8.07
C VAL B 146 -1.21 13.00 7.66
N ILE B 147 -0.94 12.29 6.56
CA ILE B 147 -1.82 11.25 6.07
C ILE B 147 -0.86 10.18 5.61
N VAL B 148 -0.97 8.98 6.19
CA VAL B 148 -0.08 7.90 5.81
C VAL B 148 -0.78 6.58 5.55
N ALA B 149 -0.56 6.04 4.36
CA ALA B 149 -1.13 4.76 3.93
C ALA B 149 -0.01 3.74 4.03
N THR B 150 0.01 3.06 5.17
CA THR B 150 0.99 2.04 5.51
C THR B 150 0.90 0.80 4.60
N TYR B 151 2.05 0.15 4.43
CA TYR B 151 2.25 -1.08 3.67
C TYR B 151 3.11 -1.91 4.65
N GLN B 152 2.52 -2.33 5.76
CA GLN B 152 3.23 -3.10 6.78
C GLN B 152 3.38 -4.60 6.46
N ALA B 153 4.56 -5.13 6.76
CA ALA B 153 4.85 -6.53 6.50
C ALA B 153 4.45 -7.50 7.60
N ALA B 154 4.59 -8.78 7.33
CA ALA B 154 4.22 -9.84 8.28
C ALA B 154 5.21 -10.01 9.41
N SER B 155 6.30 -9.24 9.40
CA SER B 155 7.29 -9.36 10.45
C SER B 155 6.70 -8.85 11.76
N GLY B 156 5.92 -7.77 11.66
CA GLY B 156 5.30 -7.17 12.82
C GLY B 156 4.14 -7.97 13.38
N ALA B 157 3.73 -9.00 12.63
CA ALA B 157 2.64 -9.83 13.10
C ALA B 157 3.35 -10.85 13.96
N GLY B 158 4.60 -11.14 13.62
CA GLY B 158 5.37 -12.09 14.40
C GLY B 158 6.26 -13.05 13.64
N ALA B 159 7.00 -13.86 14.40
CA ALA B 159 7.91 -14.85 13.82
C ALA B 159 7.17 -15.95 13.09
N LYS B 160 6.06 -16.40 13.67
CA LYS B 160 5.25 -17.47 13.09
C LYS B 160 4.42 -16.88 11.94
N ALA B 161 4.43 -15.56 11.83
CA ALA B 161 3.69 -14.87 10.79
C ALA B 161 4.57 -14.57 9.60
N MET B 162 5.88 -14.72 9.77
CA MET B 162 6.79 -14.52 8.65
C MET B 162 6.94 -15.90 8.00
N GLU B 163 7.24 -16.88 8.84
CA GLU B 163 7.41 -18.26 8.43
C GLU B 163 6.15 -18.72 7.70
N GLU B 164 4.98 -18.32 8.18
CA GLU B 164 3.73 -18.69 7.53
C GLU B 164 3.62 -18.13 6.11
N LEU B 165 3.93 -16.84 5.96
CA LEU B 165 3.86 -16.18 4.67
C LEU B 165 4.60 -16.96 3.58
N LEU B 166 5.79 -17.45 3.91
CA LEU B 166 6.59 -18.23 2.96
C LEU B 166 5.89 -19.51 2.51
N THR B 167 5.59 -20.38 3.46
CA THR B 167 4.96 -21.66 3.14
C THR B 167 3.59 -21.56 2.46
N GLU B 168 2.83 -20.51 2.76
CA GLU B 168 1.50 -20.30 2.18
C GLU B 168 1.58 -19.83 0.73
N THR B 169 2.57 -19.00 0.44
CA THR B 169 2.76 -18.54 -0.92
C THR B 169 3.12 -19.81 -1.68
N HIS B 170 4.18 -20.47 -1.20
CA HIS B 170 4.67 -21.72 -1.78
C HIS B 170 3.47 -22.65 -2.02
N ARG B 171 2.67 -22.84 -0.97
CA ARG B 171 1.50 -23.68 -1.08
C ARG B 171 0.61 -23.12 -2.19
N PHE B 172 0.36 -21.82 -2.15
CA PHE B 172 -0.47 -21.17 -3.15
C PHE B 172 0.11 -21.35 -4.53
N LEU B 173 1.38 -20.99 -4.69
CA LEU B 173 2.04 -21.12 -5.98
C LEU B 173 1.76 -22.52 -6.55
N HIS B 174 1.50 -23.48 -5.66
CA HIS B 174 1.23 -24.84 -6.11
C HIS B 174 -0.22 -25.22 -6.35
N GLY B 175 -1.10 -24.21 -6.45
CA GLY B 175 -2.51 -24.46 -6.71
C GLY B 175 -3.39 -24.89 -5.56
N GLU B 176 -2.92 -24.70 -4.32
CA GLU B 176 -3.72 -25.06 -3.15
C GLU B 176 -4.04 -23.84 -2.30
N ALA B 177 -5.25 -23.85 -1.72
CA ALA B 177 -5.79 -22.77 -0.88
C ALA B 177 -5.08 -22.42 0.42
N PRO B 178 -4.62 -21.17 0.54
CA PRO B 178 -3.92 -20.76 1.76
C PRO B 178 -4.84 -21.01 2.93
N LYS B 179 -4.24 -21.41 4.04
CA LYS B 179 -4.93 -21.72 5.27
C LYS B 179 -4.38 -20.81 6.36
N ALA B 180 -4.82 -19.56 6.36
CA ALA B 180 -4.38 -18.58 7.35
C ALA B 180 -4.60 -19.04 8.80
N GLU B 181 -3.78 -18.52 9.70
CA GLU B 181 -3.84 -18.84 11.11
C GLU B 181 -3.18 -17.67 11.84
N ALA B 182 -2.14 -17.12 11.20
CA ALA B 182 -1.36 -16.00 11.72
C ALA B 182 -1.89 -14.65 11.31
N PHE B 183 -2.79 -14.62 10.34
CA PHE B 183 -3.35 -13.36 9.88
C PHE B 183 -4.87 -13.42 9.91
N ALA B 184 -5.49 -12.25 9.69
CA ALA B 184 -6.93 -12.12 9.65
C ALA B 184 -7.47 -12.95 8.50
N HIS B 185 -6.85 -12.79 7.33
CA HIS B 185 -7.25 -13.53 6.14
C HIS B 185 -5.99 -14.08 5.50
N PRO B 186 -6.12 -14.83 4.38
CA PRO B 186 -4.95 -15.39 3.68
C PRO B 186 -4.13 -14.22 3.12
N LEU B 187 -2.88 -14.10 3.55
CA LEU B 187 -2.02 -13.00 3.11
C LEU B 187 -1.30 -13.19 1.75
N PRO B 188 -0.89 -14.42 1.41
CA PRO B 188 -0.19 -14.64 0.13
C PRO B 188 -0.86 -13.94 -1.04
N PHE B 189 -0.09 -13.14 -1.77
CA PHE B 189 -0.60 -12.42 -2.93
C PHE B 189 -1.87 -11.61 -2.63
N ASN B 190 -1.88 -10.84 -1.54
CA ASN B 190 -3.07 -10.08 -1.19
C ASN B 190 -2.77 -8.96 -0.18
N VAL B 191 -3.68 -8.01 -0.05
CA VAL B 191 -3.51 -6.93 0.92
C VAL B 191 -4.68 -7.02 1.90
N ILE B 192 -4.42 -6.79 3.17
CA ILE B 192 -5.43 -6.87 4.21
C ILE B 192 -5.53 -5.53 4.95
N PRO B 193 -6.61 -4.74 4.68
CA PRO B 193 -6.91 -3.42 5.24
C PRO B 193 -7.39 -3.48 6.67
N HIS B 194 -6.63 -4.17 7.51
CA HIS B 194 -6.97 -4.36 8.90
C HIS B 194 -5.68 -4.85 9.55
N ILE B 195 -5.29 -4.31 10.69
CA ILE B 195 -4.07 -4.77 11.32
C ILE B 195 -4.24 -5.25 12.76
N ASP B 196 -4.58 -4.36 13.68
CA ASP B 196 -4.79 -4.78 15.06
C ASP B 196 -6.30 -4.93 15.32
N ALA B 197 -6.87 -4.15 16.23
CA ALA B 197 -8.31 -4.25 16.50
C ALA B 197 -9.02 -2.92 16.29
N PHE B 198 -10.25 -2.99 15.79
CA PHE B 198 -11.08 -1.83 15.48
C PHE B 198 -11.56 -1.00 16.66
N GLN B 199 -11.48 0.31 16.51
CA GLN B 199 -11.93 1.24 17.53
C GLN B 199 -13.29 1.72 17.00
N GLU B 200 -14.10 2.36 17.84
CA GLU B 200 -15.44 2.85 17.44
C GLU B 200 -15.40 3.95 16.37
N ASN B 201 -14.35 4.78 16.41
CA ASN B 201 -14.19 5.84 15.42
C ASN B 201 -14.12 5.28 13.99
N GLY B 202 -14.00 3.95 13.89
CA GLY B 202 -13.89 3.31 12.60
C GLY B 202 -12.46 2.92 12.25
N TYR B 203 -11.51 3.50 12.99
CA TYR B 203 -10.07 3.26 12.80
C TYR B 203 -9.58 2.08 13.61
N THR B 204 -8.56 1.40 13.11
CA THR B 204 -7.99 0.26 13.82
C THR B 204 -7.00 0.76 14.88
N ARG B 205 -6.72 -0.10 15.86
CA ARG B 205 -5.78 0.21 16.94
C ARG B 205 -4.43 0.59 16.35
N GLU B 206 -4.14 0.03 15.18
CA GLU B 206 -2.88 0.27 14.49
C GLU B 206 -2.74 1.74 14.11
N GLU B 207 -3.68 2.23 13.30
CA GLU B 207 -3.67 3.62 12.87
C GLU B 207 -3.48 4.55 14.07
N MET B 208 -4.51 4.65 14.90
CA MET B 208 -4.50 5.49 16.11
C MET B 208 -3.18 5.57 16.90
N LYS B 209 -2.38 4.52 16.85
CA LYS B 209 -1.12 4.53 17.57
C LYS B 209 -0.24 5.50 16.83
N VAL B 210 -0.17 5.29 15.53
CA VAL B 210 0.62 6.14 14.65
C VAL B 210 0.31 7.60 14.89
N VAL B 211 -0.79 7.85 15.62
CA VAL B 211 -1.22 9.20 15.98
C VAL B 211 -0.84 9.46 17.45
N TRP B 212 -1.61 8.88 18.37
CA TRP B 212 -1.38 9.04 19.80
C TRP B 212 0.12 9.08 20.06
N GLU B 213 0.79 8.01 19.64
CA GLU B 213 2.20 7.90 19.83
C GLU B 213 2.96 9.08 19.28
N THR B 214 2.55 9.57 18.11
CA THR B 214 3.26 10.71 17.56
C THR B 214 3.06 11.97 18.40
N HIS B 215 1.84 12.19 18.88
CA HIS B 215 1.58 13.35 19.72
C HIS B 215 2.52 13.42 20.92
N LYS B 216 2.67 12.32 21.65
CA LYS B 216 3.50 12.27 22.85
C LYS B 216 5.02 12.38 22.67
N ILE B 217 5.55 11.77 21.61
CA ILE B 217 6.99 11.83 21.33
C ILE B 217 7.36 13.23 20.81
N PHE B 218 6.42 13.85 20.08
CA PHE B 218 6.59 15.18 19.50
C PHE B 218 6.31 16.40 20.42
N GLY B 219 5.43 16.26 21.40
CA GLY B 219 5.15 17.41 22.24
C GLY B 219 4.20 18.38 21.54
N ASP B 220 3.49 17.88 20.53
CA ASP B 220 2.54 18.70 19.78
C ASP B 220 1.15 18.04 19.75
N ASP B 221 0.35 18.29 20.78
CA ASP B 221 -1.00 17.72 20.88
C ASP B 221 -1.77 18.09 19.62
N THR B 222 -1.44 19.25 19.05
CA THR B 222 -2.10 19.80 17.86
C THR B 222 -1.48 19.46 16.51
N ILE B 223 -1.93 18.39 15.86
CA ILE B 223 -1.40 17.99 14.54
C ILE B 223 -2.33 16.97 13.87
N ARG B 224 -3.37 17.45 13.20
CA ARG B 224 -4.37 16.59 12.54
C ARG B 224 -3.73 15.40 11.81
N ILE B 225 -3.52 14.30 12.52
CA ILE B 225 -2.91 13.12 11.91
C ILE B 225 -3.99 12.15 11.40
N SER B 226 -3.60 11.21 10.53
CA SER B 226 -4.53 10.26 9.96
C SER B 226 -3.79 9.07 9.33
N ALA B 227 -4.00 7.88 9.90
CA ALA B 227 -3.34 6.68 9.39
C ALA B 227 -4.29 5.68 8.74
N THR B 228 -3.70 4.83 7.91
CA THR B 228 -4.41 3.76 7.22
C THR B 228 -3.37 2.64 7.32
N ALA B 229 -3.77 1.45 7.76
CA ALA B 229 -2.82 0.36 7.91
C ALA B 229 -3.20 -0.92 7.17
N VAL B 230 -2.30 -1.34 6.29
CA VAL B 230 -2.51 -2.53 5.47
C VAL B 230 -1.31 -3.44 5.54
N ARG B 231 -1.59 -4.73 5.66
CA ARG B 231 -0.57 -5.76 5.72
C ARG B 231 -0.37 -6.24 4.28
N VAL B 232 0.87 -6.17 3.82
CA VAL B 232 1.19 -6.59 2.46
C VAL B 232 2.07 -7.82 2.50
N PRO B 233 2.03 -8.62 1.44
CA PRO B 233 2.85 -9.83 1.40
C PRO B 233 4.37 -9.57 1.37
N THR B 234 4.91 -8.93 2.41
CA THR B 234 6.36 -8.68 2.47
C THR B 234 6.96 -9.21 3.78
N LEU B 235 8.22 -9.64 3.71
CA LEU B 235 8.90 -10.22 4.86
C LEU B 235 9.06 -9.43 6.17
N ARG B 236 9.86 -8.36 6.15
CA ARG B 236 10.10 -7.61 7.39
C ARG B 236 10.38 -6.12 7.25
N ALA B 237 10.03 -5.56 6.11
CA ALA B 237 10.22 -4.14 5.88
C ALA B 237 8.85 -3.43 5.76
N HIS B 238 8.75 -2.26 6.41
CA HIS B 238 7.54 -1.45 6.42
C HIS B 238 7.54 -0.24 5.50
N ALA B 239 6.57 -0.18 4.60
CA ALA B 239 6.50 0.95 3.69
C ALA B 239 5.33 1.87 4.04
N GLU B 240 5.51 3.16 3.77
CA GLU B 240 4.42 4.10 3.98
C GLU B 240 4.54 5.25 3.00
N ALA B 241 3.39 5.70 2.50
CA ALA B 241 3.37 6.83 1.56
C ALA B 241 2.80 7.91 2.42
N VAL B 242 3.45 9.05 2.48
CA VAL B 242 2.97 10.16 3.31
C VAL B 242 2.61 11.46 2.55
N SER B 243 1.96 12.37 3.25
CA SER B 243 1.57 13.65 2.67
C SER B 243 1.25 14.54 3.88
N VAL B 244 2.25 15.35 4.23
CA VAL B 244 2.20 16.26 5.34
C VAL B 244 2.05 17.69 4.90
N GLU B 245 0.98 18.34 5.39
CA GLU B 245 0.77 19.74 5.08
C GLU B 245 1.66 20.47 6.07
N PHE B 246 2.47 21.40 5.56
CA PHE B 246 3.37 22.19 6.42
C PHE B 246 3.04 23.68 6.35
N ALA B 247 3.35 24.39 7.42
CA ALA B 247 3.08 25.82 7.54
C ALA B 247 4.10 26.70 6.80
N ARG B 248 5.37 26.58 7.13
CA ARG B 248 6.40 27.40 6.48
C ARG B 248 6.52 26.90 5.05
N PRO B 249 6.76 27.80 4.08
CA PRO B 249 6.88 27.30 2.70
C PRO B 249 7.92 26.23 2.74
N VAL B 250 7.56 25.04 2.28
CA VAL B 250 8.51 23.96 2.29
C VAL B 250 9.01 23.76 0.88
N THR B 251 10.13 23.07 0.77
CA THR B 251 10.71 22.85 -0.52
C THR B 251 11.08 21.40 -0.71
N PRO B 252 10.79 20.85 -1.89
CA PRO B 252 11.19 19.46 -2.01
C PRO B 252 12.72 19.45 -1.80
N GLU B 253 13.43 20.25 -2.57
CA GLU B 253 14.87 20.34 -2.42
C GLU B 253 15.32 20.81 -1.01
N ALA B 254 14.62 21.77 -0.40
CA ALA B 254 14.99 22.26 0.94
C ALA B 254 14.79 21.22 2.01
N ALA B 255 13.73 20.43 1.90
CA ALA B 255 13.47 19.40 2.87
C ALA B 255 14.50 18.29 2.67
N ARG B 256 14.80 18.01 1.40
CA ARG B 256 15.73 16.96 1.05
C ARG B 256 17.09 17.19 1.67
N GLU B 257 17.49 18.45 1.77
CA GLU B 257 18.78 18.77 2.36
C GLU B 257 18.76 18.63 3.89
N VAL B 258 17.58 18.76 4.47
CA VAL B 258 17.44 18.60 5.91
C VAL B 258 17.76 17.13 6.24
N LEU B 259 17.00 16.24 5.61
CA LEU B 259 17.13 14.81 5.80
C LEU B 259 18.52 14.19 5.64
N LYS B 260 19.25 14.55 4.57
CA LYS B 260 20.60 14.02 4.39
C LYS B 260 21.43 14.34 5.64
N GLU B 261 20.94 15.30 6.42
CA GLU B 261 21.61 15.71 7.65
C GLU B 261 20.94 15.17 8.92
N ALA B 262 19.76 14.56 8.76
CA ALA B 262 19.04 13.97 9.87
C ALA B 262 19.65 12.60 10.23
N PRO B 263 19.86 12.31 11.54
CA PRO B 263 20.44 11.03 11.93
C PRO B 263 19.60 9.75 11.80
N GLY B 264 20.28 8.68 11.42
CA GLY B 264 19.66 7.39 11.26
C GLY B 264 18.71 7.33 10.08
N VAL B 265 18.78 8.35 9.24
CA VAL B 265 17.94 8.43 8.06
C VAL B 265 18.69 8.69 6.76
N GLU B 266 18.73 7.67 5.91
CA GLU B 266 19.40 7.71 4.62
C GLU B 266 18.45 8.18 3.50
N VAL B 267 18.95 9.06 2.65
CA VAL B 267 18.11 9.55 1.57
C VAL B 267 18.34 8.69 0.33
N VAL B 268 17.27 8.46 -0.39
CA VAL B 268 17.27 7.64 -1.59
C VAL B 268 16.16 8.27 -2.40
N ASP B 269 16.52 9.10 -3.38
CA ASP B 269 15.51 9.78 -4.17
C ASP B 269 15.91 10.21 -5.59
N GLU B 270 16.43 9.27 -6.36
CA GLU B 270 16.82 9.56 -7.74
C GLU B 270 15.87 8.86 -8.71
N PRO B 271 14.83 9.58 -9.19
CA PRO B 271 13.84 9.06 -10.14
C PRO B 271 14.46 8.53 -11.43
N GLU B 272 15.29 9.37 -12.08
CA GLU B 272 15.97 9.00 -13.33
C GLU B 272 16.75 7.69 -13.18
N ALA B 273 17.04 7.32 -11.94
CA ALA B 273 17.81 6.10 -11.70
C ALA B 273 16.98 4.98 -11.08
N LYS B 274 15.65 5.16 -10.99
CA LYS B 274 14.83 4.13 -10.38
C LYS B 274 15.44 3.89 -9.01
N ARG B 275 15.60 4.98 -8.28
CA ARG B 275 16.19 4.97 -6.97
C ARG B 275 15.19 5.55 -5.95
N TYR B 276 14.58 4.69 -5.15
CA TYR B 276 13.61 5.07 -4.11
C TYR B 276 13.60 3.90 -3.13
N PRO B 277 13.07 4.10 -1.89
CA PRO B 277 13.01 3.04 -0.87
C PRO B 277 12.28 1.76 -1.34
N MET B 278 12.72 0.63 -0.82
CA MET B 278 12.14 -0.66 -1.14
C MET B 278 12.39 -1.64 0.01
N PRO B 279 11.35 -2.32 0.46
CA PRO B 279 11.48 -3.29 1.55
C PRO B 279 12.73 -4.11 1.32
N LEU B 280 12.86 -4.61 0.10
CA LEU B 280 14.01 -5.40 -0.32
C LEU B 280 15.29 -4.68 0.00
N THR B 281 15.44 -3.48 -0.52
CA THR B 281 16.65 -2.71 -0.29
C THR B 281 16.56 -1.79 0.91
N ALA B 282 16.15 -2.36 2.04
CA ALA B 282 16.02 -1.61 3.29
C ALA B 282 15.82 -2.53 4.50
N SER B 283 15.51 -3.79 4.24
CA SER B 283 15.32 -4.74 5.34
C SER B 283 16.66 -5.25 5.87
N GLY B 284 17.13 -4.68 6.98
CA GLY B 284 18.39 -5.12 7.53
C GLY B 284 19.32 -3.96 7.84
N LYS B 285 18.84 -2.75 7.57
CA LYS B 285 19.62 -1.54 7.81
C LYS B 285 19.16 -0.90 9.09
N TRP B 286 19.96 0.02 9.62
CA TRP B 286 19.60 0.76 10.84
C TRP B 286 19.08 2.14 10.43
N ASP B 287 19.20 2.47 9.16
CA ASP B 287 18.68 3.74 8.70
C ASP B 287 17.33 3.48 8.06
N VAL B 288 16.52 4.51 7.98
CA VAL B 288 15.21 4.37 7.37
C VAL B 288 15.35 5.10 6.04
N GLU B 289 14.86 4.50 4.97
CA GLU B 289 14.97 5.14 3.66
C GLU B 289 13.79 6.08 3.34
N VAL B 290 14.15 7.28 2.88
CA VAL B 290 13.19 8.30 2.48
C VAL B 290 13.49 8.72 1.05
N GLY B 291 12.44 8.87 0.26
CA GLY B 291 12.61 9.23 -1.12
C GLY B 291 11.28 9.48 -1.77
N ARG B 292 11.28 9.75 -3.08
CA ARG B 292 10.06 10.08 -3.79
C ARG B 292 9.55 11.42 -3.28
N ILE B 293 10.46 12.21 -2.71
CA ILE B 293 10.15 13.51 -2.14
C ILE B 293 9.67 14.45 -3.25
N ARG B 294 8.45 14.94 -3.12
CA ARG B 294 7.93 15.79 -4.16
C ARG B 294 6.95 16.83 -3.66
N LYS B 295 6.74 17.87 -4.45
CA LYS B 295 5.80 18.90 -4.09
C LYS B 295 4.43 18.28 -4.32
N SER B 296 3.67 18.15 -3.23
CA SER B 296 2.34 17.57 -3.32
C SER B 296 1.32 18.48 -4.01
N LEU B 297 0.47 17.86 -4.82
CA LEU B 297 -0.58 18.57 -5.54
C LEU B 297 -1.88 18.63 -4.74
N ALA B 298 -1.94 17.84 -3.67
CA ALA B 298 -3.13 17.86 -2.84
C ALA B 298 -3.27 19.19 -2.12
N PHE B 299 -2.21 19.65 -1.47
CA PHE B 299 -2.23 20.93 -0.73
C PHE B 299 -1.36 22.05 -1.31
N GLU B 300 -1.59 23.25 -0.81
CA GLU B 300 -0.86 24.44 -1.22
C GLU B 300 0.64 24.34 -0.89
N ASN B 301 0.97 24.16 0.38
CA ASN B 301 2.36 24.03 0.83
C ASN B 301 2.52 22.66 1.54
N GLY B 302 2.68 21.60 0.76
CA GLY B 302 2.81 20.28 1.34
C GLY B 302 3.88 19.44 0.69
N LEU B 303 4.17 18.30 1.30
CA LEU B 303 5.19 17.38 0.78
C LEU B 303 4.82 15.89 0.84
N ASP B 304 5.14 15.17 -0.22
CA ASP B 304 4.86 13.73 -0.30
C ASP B 304 6.17 12.98 -0.49
N PHE B 305 6.30 11.87 0.20
CA PHE B 305 7.49 11.04 0.13
C PHE B 305 7.15 9.60 0.43
N PHE B 306 8.15 8.73 0.26
CA PHE B 306 8.01 7.30 0.52
C PHE B 306 8.98 6.98 1.67
N VAL B 307 8.58 6.11 2.59
CA VAL B 307 9.44 5.80 3.72
C VAL B 307 9.51 4.29 3.90
N VAL B 308 10.72 3.79 4.15
CA VAL B 308 10.90 2.36 4.32
C VAL B 308 11.91 2.13 5.43
N GLY B 309 11.54 1.29 6.40
CA GLY B 309 12.40 0.99 7.49
C GLY B 309 12.15 -0.44 7.91
N ASP B 310 13.16 -1.05 8.52
CA ASP B 310 13.05 -2.41 8.98
C ASP B 310 12.29 -2.45 10.32
N GLN B 311 11.21 -3.23 10.34
CA GLN B 311 10.34 -3.38 11.50
C GLN B 311 11.12 -3.92 12.70
N LEU B 312 11.62 -5.14 12.55
CA LEU B 312 12.38 -5.84 13.57
C LEU B 312 13.55 -5.07 14.17
N LEU B 313 14.15 -4.19 13.40
CA LEU B 313 15.27 -3.40 13.91
C LEU B 313 14.67 -2.22 14.64
N LYS B 314 13.61 -1.64 14.08
CA LYS B 314 12.95 -0.55 14.78
C LYS B 314 11.97 -1.25 15.74
N GLY B 315 12.62 -2.06 16.56
CA GLY B 315 12.02 -2.84 17.61
C GLY B 315 13.28 -2.91 18.47
N ALA B 316 14.16 -3.85 18.12
CA ALA B 316 15.45 -4.06 18.81
C ALA B 316 16.37 -2.84 18.83
N ALA B 317 16.72 -2.39 17.64
CA ALA B 317 17.62 -1.25 17.46
C ALA B 317 17.25 0.00 18.22
N LEU B 318 16.01 0.47 18.10
CA LEU B 318 15.65 1.68 18.83
C LEU B 318 15.68 1.45 20.33
N ASN B 319 15.68 0.19 20.72
CA ASN B 319 15.71 -0.21 22.12
C ASN B 319 17.07 -0.28 22.78
N ALA B 320 18.03 -0.85 22.07
CA ALA B 320 19.38 -0.95 22.60
C ALA B 320 20.07 0.38 22.31
N VAL B 321 19.36 1.31 21.68
CA VAL B 321 19.98 2.60 21.40
C VAL B 321 19.53 3.56 22.48
N GLN B 322 18.36 3.28 23.05
CA GLN B 322 17.83 4.07 24.15
C GLN B 322 18.74 3.81 25.34
N ILE B 323 19.12 2.56 25.52
CA ILE B 323 20.01 2.21 26.61
C ILE B 323 21.43 2.80 26.43
N ALA B 324 21.93 2.79 25.20
CA ALA B 324 23.25 3.35 24.96
C ALA B 324 23.27 4.76 25.58
N GLU B 325 22.13 5.45 25.44
CA GLU B 325 21.98 6.82 25.93
C GLU B 325 21.62 6.87 27.40
N GLU B 326 21.26 5.72 27.93
CA GLU B 326 20.94 5.58 29.34
C GLU B 326 22.30 5.54 30.04
N TRP B 327 23.35 5.40 29.22
CA TRP B 327 24.73 5.38 29.70
C TRP B 327 25.32 6.78 29.60
N LEU B 328 25.12 7.41 28.43
CA LEU B 328 25.60 8.77 28.23
C LEU B 328 24.79 9.68 29.15
#